data_1MB4
#
_entry.id   1MB4
#
_cell.length_a   107.630
_cell.length_b   107.630
_cell.length_c   153.538
_cell.angle_alpha   90.00
_cell.angle_beta   90.00
_cell.angle_gamma   90.00
#
_symmetry.space_group_name_H-M   'P 43 21 2'
#
loop_
_entity.id
_entity.type
_entity.pdbx_description
1 polymer 'Aspartate-Semialdehyde Dehydrogenase'
2 non-polymer CYSTEINE
3 non-polymer 'NADPH DIHYDRO-NICOTINAMIDE-ADENINE-DINUCLEOTIDE PHOSPHATE'
4 water water
#
_entity_poly.entity_id   1
_entity_poly.type   'polypeptide(L)'
_entity_poly.pdbx_seq_one_letter_code
;MRVGLVGWRGMVGSVLMQRMVEERDFDLIEPVFFSTSQIGVPAPNFGKDAGMLHDAFDIESLKQLDAVITCQGGSYTEKV
YPALRQAGWKGYWIDAASTLRMDKEAIITLDPVNLKQILHGIHHGTKTFVGGNCTVSLMLMALGGLYERGLVEWMSAMTY
QAASGAGAQNMRELISQMGVINDAVSSELANPASSILDIDKKVAETMRSGSFPTDNFGVPLAGSLIPWIDVKRDNGQSKE
EWKAGVEANKILGLQDSPVPIDGTCVRIGAMRCHSQALTIKLKQNIPLDEIEEMIATHNDWVKVIPNERDITARELTPAK
VTGTLSVPVGRLRKMAMGDDFLNAFTVGDQLLWGAAEPLRRTLRIILAEK
;
_entity_poly.pdbx_strand_id   A,B
#
# COMPACT_ATOMS: atom_id res chain seq x y z
N MET A 1 40.36 8.93 17.51
CA MET A 1 39.35 9.95 17.11
C MET A 1 38.30 10.10 18.21
N ARG A 2 38.06 11.34 18.62
CA ARG A 2 37.08 11.63 19.67
C ARG A 2 35.75 11.89 18.97
N VAL A 3 34.77 11.03 19.22
CA VAL A 3 33.46 11.16 18.59
C VAL A 3 32.33 11.40 19.57
N GLY A 4 31.61 12.48 19.36
CA GLY A 4 30.48 12.79 20.23
C GLY A 4 29.22 12.14 19.69
N LEU A 5 28.38 11.65 20.59
CA LEU A 5 27.13 11.02 20.21
C LEU A 5 25.98 11.84 20.79
N VAL A 6 25.07 12.29 19.93
CA VAL A 6 23.91 13.06 20.36
C VAL A 6 22.69 12.30 19.87
N GLY A 7 21.65 12.19 20.70
CA GLY A 7 20.45 11.48 20.29
C GLY A 7 20.60 9.97 20.33
N TRP A 8 21.59 9.49 21.08
CA TRP A 8 21.86 8.06 21.21
C TRP A 8 20.77 7.32 21.98
N ARG A 9 19.95 8.07 22.72
CA ARG A 9 18.89 7.49 23.55
C ARG A 9 17.55 7.28 22.85
N GLY A 10 17.27 8.05 21.80
CA GLY A 10 16.02 7.93 21.08
C GLY A 10 15.87 6.64 20.30
N MET A 11 14.84 6.57 19.46
CA MET A 11 14.60 5.36 18.68
C MET A 11 15.72 5.05 17.69
N VAL A 12 16.02 5.99 16.79
CA VAL A 12 17.07 5.80 15.80
C VAL A 12 18.44 5.64 16.50
N GLY A 13 18.70 6.48 17.49
CA GLY A 13 19.96 6.40 18.21
C GLY A 13 20.19 5.06 18.90
N SER A 14 19.10 4.46 19.40
CA SER A 14 19.19 3.17 20.08
C SER A 14 19.51 2.06 19.08
N VAL A 15 18.96 2.15 17.88
CA VAL A 15 19.26 1.16 16.86
C VAL A 15 20.74 1.34 16.50
N LEU A 16 21.18 2.59 16.40
CA LEU A 16 22.57 2.89 16.07
C LEU A 16 23.53 2.36 17.12
N MET A 17 23.19 2.56 18.40
CA MET A 17 24.04 2.09 19.49
C MET A 17 24.21 0.58 19.46
N GLN A 18 23.11 -0.13 19.21
CA GLN A 18 23.16 -1.58 19.16
C GLN A 18 24.00 -2.07 17.98
N ARG A 19 23.90 -1.38 16.85
CA ARG A 19 24.69 -1.74 15.66
C ARG A 19 26.17 -1.45 15.88
N MET A 20 26.47 -0.37 16.59
CA MET A 20 27.86 0.00 16.86
C MET A 20 28.48 -1.00 17.82
N VAL A 21 27.65 -1.55 18.71
CA VAL A 21 28.15 -2.55 19.64
C VAL A 21 28.43 -3.85 18.88
N GLU A 22 27.49 -4.26 18.03
CA GLU A 22 27.63 -5.47 17.24
C GLU A 22 28.85 -5.43 16.34
N GLU A 23 29.12 -4.27 15.75
CA GLU A 23 30.26 -4.13 14.85
C GLU A 23 31.56 -3.73 15.56
N ARG A 24 31.50 -3.54 16.87
CA ARG A 24 32.64 -3.14 17.67
C ARG A 24 33.24 -1.80 17.22
N ASP A 25 32.37 -0.85 16.85
CA ASP A 25 32.83 0.46 16.41
C ASP A 25 33.48 1.24 17.55
N PHE A 26 33.05 0.98 18.78
CA PHE A 26 33.60 1.69 19.92
C PHE A 26 35.06 1.42 20.23
N ASP A 27 35.57 0.29 19.74
CA ASP A 27 36.97 -0.05 19.98
C ASP A 27 37.90 0.83 19.15
N LEU A 28 37.34 1.51 18.14
CA LEU A 28 38.13 2.35 17.24
C LEU A 28 38.03 3.85 17.52
N ILE A 29 37.17 4.22 18.47
CA ILE A 29 36.97 5.63 18.79
C ILE A 29 36.96 5.91 20.29
N GLU A 30 36.96 7.20 20.62
CA GLU A 30 36.91 7.66 22.00
C GLU A 30 35.53 8.32 22.03
N PRO A 31 34.51 7.59 22.49
CA PRO A 31 33.15 8.15 22.54
C PRO A 31 32.87 9.15 23.65
N VAL A 32 32.14 10.20 23.29
CA VAL A 32 31.74 11.23 24.23
C VAL A 32 30.23 11.36 24.10
N PHE A 33 29.49 11.02 25.15
CA PHE A 33 28.03 11.10 25.08
C PHE A 33 27.46 12.43 25.55
N PHE A 34 26.57 12.99 24.72
CA PHE A 34 25.94 14.26 25.02
C PHE A 34 24.47 14.07 25.32
N SER A 35 23.92 15.02 26.08
CA SER A 35 22.51 15.01 26.45
C SER A 35 21.87 16.38 26.28
N THR A 36 20.58 16.39 25.96
CA THR A 36 19.84 17.64 25.82
C THR A 36 18.89 17.77 27.01
N SER A 37 18.97 16.82 27.94
CA SER A 37 18.08 16.84 29.10
C SER A 37 18.75 16.81 30.48
N GLN A 38 19.89 16.11 30.61
CA GLN A 38 20.57 16.04 31.89
C GLN A 38 22.06 15.71 31.74
N ILE A 39 22.91 16.46 32.43
CA ILE A 39 24.36 16.28 32.35
C ILE A 39 25.05 15.98 33.68
N GLY A 40 26.34 15.67 33.61
CA GLY A 40 27.13 15.41 34.81
C GLY A 40 27.10 13.98 35.33
N VAL A 41 25.99 13.28 35.08
CA VAL A 41 25.85 11.90 35.52
C VAL A 41 26.60 10.98 34.56
N PRO A 42 26.86 9.73 34.97
CA PRO A 42 27.57 8.82 34.09
C PRO A 42 26.90 8.53 32.75
N ALA A 43 27.71 8.46 31.70
CA ALA A 43 27.24 8.18 30.34
C ALA A 43 26.94 6.70 30.21
N PRO A 44 26.20 6.31 29.16
CA PRO A 44 25.91 4.88 29.01
C PRO A 44 27.20 4.11 28.76
N ASN A 45 27.22 2.86 29.20
CA ASN A 45 28.40 2.03 29.01
C ASN A 45 28.12 0.95 27.96
N PHE A 46 28.55 1.22 26.72
CA PHE A 46 28.36 0.27 25.63
C PHE A 46 29.62 -0.55 25.40
N GLY A 47 30.36 -0.77 26.48
CA GLY A 47 31.59 -1.53 26.41
C GLY A 47 32.69 -0.86 27.23
N LYS A 48 33.06 0.36 26.84
CA LYS A 48 34.10 1.13 27.53
C LYS A 48 33.49 2.28 28.33
N ASP A 49 34.16 2.66 29.42
CA ASP A 49 33.67 3.75 30.25
C ASP A 49 33.86 5.04 29.45
N ALA A 50 32.79 5.79 29.28
CA ALA A 50 32.87 7.03 28.50
C ALA A 50 32.79 8.28 29.36
N GLY A 51 32.76 8.10 30.67
CA GLY A 51 32.71 9.25 31.57
C GLY A 51 31.31 9.74 31.89
N MET A 52 31.12 11.05 31.80
CA MET A 52 29.83 11.67 32.12
C MET A 52 29.07 12.12 30.87
N LEU A 53 27.81 12.51 31.07
CA LEU A 53 26.98 13.03 30.00
C LEU A 53 27.32 14.51 29.84
N HIS A 54 27.62 14.92 28.61
CA HIS A 54 27.98 16.31 28.34
C HIS A 54 26.80 17.11 27.81
N ASP A 55 26.90 18.44 27.91
CA ASP A 55 25.86 19.34 27.42
C ASP A 55 25.90 19.40 25.88
N ALA A 56 24.88 18.82 25.24
CA ALA A 56 24.79 18.79 23.78
C ALA A 56 24.71 20.17 23.13
N PHE A 57 24.44 21.18 23.94
CA PHE A 57 24.32 22.54 23.42
C PHE A 57 25.56 23.41 23.64
N ASP A 58 26.52 22.91 24.42
CA ASP A 58 27.73 23.70 24.70
C ASP A 58 28.72 23.69 23.53
N ILE A 59 28.81 24.82 22.83
CA ILE A 59 29.68 24.96 21.69
C ILE A 59 31.13 24.58 21.99
N GLU A 60 31.67 25.07 23.10
CA GLU A 60 33.05 24.75 23.45
C GLU A 60 33.30 23.25 23.53
N SER A 61 32.37 22.52 24.14
CA SER A 61 32.48 21.06 24.28
C SER A 61 32.49 20.38 22.92
N LEU A 62 31.56 20.78 22.06
CA LEU A 62 31.48 20.19 20.73
C LEU A 62 32.75 20.51 19.94
N LYS A 63 33.33 21.68 20.17
CA LYS A 63 34.54 22.07 19.46
C LYS A 63 35.75 21.19 19.78
N GLN A 64 35.65 20.41 20.85
CA GLN A 64 36.74 19.53 21.26
C GLN A 64 36.68 18.16 20.56
N LEU A 65 35.63 17.95 19.75
CA LEU A 65 35.44 16.67 19.07
C LEU A 65 35.98 16.65 17.64
N ASP A 66 36.31 15.46 17.18
CA ASP A 66 36.80 15.27 15.81
C ASP A 66 35.61 15.01 14.90
N ALA A 67 34.54 14.49 15.50
CA ALA A 67 33.31 14.19 14.77
C ALA A 67 32.13 14.12 15.72
N VAL A 68 30.95 14.26 15.14
CA VAL A 68 29.68 14.18 15.87
C VAL A 68 28.71 13.34 15.05
N ILE A 69 28.11 12.35 15.69
CA ILE A 69 27.11 11.54 15.02
C ILE A 69 25.88 11.89 15.83
N THR A 70 24.91 12.54 15.19
CA THR A 70 23.69 12.92 15.89
C THR A 70 22.42 12.35 15.27
N CYS A 71 21.55 11.83 16.14
CA CYS A 71 20.26 11.28 15.75
C CYS A 71 19.21 12.04 16.58
N GLN A 72 19.60 13.21 17.07
CA GLN A 72 18.73 14.01 17.90
C GLN A 72 17.56 14.62 17.16
N GLY A 73 17.76 15.03 15.92
CA GLY A 73 16.67 15.61 15.15
C GLY A 73 17.02 16.97 14.55
N GLY A 74 16.15 17.47 13.67
CA GLY A 74 16.42 18.74 13.02
C GLY A 74 16.42 19.98 13.90
N SER A 75 15.52 19.99 14.88
CA SER A 75 15.44 21.12 15.80
C SER A 75 16.81 21.32 16.45
N TYR A 76 17.45 20.22 16.82
CA TYR A 76 18.76 20.26 17.43
C TYR A 76 19.82 20.74 16.44
N THR A 77 19.80 20.20 15.23
CA THR A 77 20.79 20.58 14.25
C THR A 77 20.69 22.07 13.91
N GLU A 78 19.47 22.57 13.79
CA GLU A 78 19.26 23.98 13.48
C GLU A 78 19.80 24.92 14.56
N LYS A 79 19.72 24.50 15.82
CA LYS A 79 20.19 25.30 16.95
C LYS A 79 21.71 25.31 17.10
N VAL A 80 22.30 24.13 16.94
CA VAL A 80 23.73 23.94 17.12
C VAL A 80 24.68 24.02 15.93
N TYR A 81 24.35 23.36 14.83
CA TYR A 81 25.25 23.33 13.67
C TYR A 81 25.78 24.67 13.16
N PRO A 82 24.88 25.60 12.82
CA PRO A 82 25.37 26.89 12.31
C PRO A 82 26.36 27.58 13.24
N ALA A 83 26.04 27.63 14.53
CA ALA A 83 26.93 28.26 15.50
C ALA A 83 28.26 27.52 15.57
N LEU A 84 28.20 26.19 15.58
CA LEU A 84 29.41 25.39 15.66
C LEU A 84 30.33 25.65 14.45
N ARG A 85 29.75 25.72 13.25
CA ARG A 85 30.56 26.00 12.07
C ARG A 85 31.08 27.43 12.11
N GLN A 86 30.23 28.38 12.52
CA GLN A 86 30.62 29.77 12.61
C GLN A 86 31.75 29.94 13.61
N ALA A 87 31.79 29.08 14.60
CA ALA A 87 32.82 29.12 15.63
C ALA A 87 34.17 28.60 15.14
N GLY A 88 34.21 28.13 13.90
CA GLY A 88 35.44 27.62 13.33
C GLY A 88 35.66 26.12 13.42
N TRP A 89 34.67 25.38 13.90
CA TRP A 89 34.80 23.93 14.02
C TRP A 89 34.88 23.27 12.65
N LYS A 90 35.89 22.43 12.45
CA LYS A 90 36.06 21.75 11.17
C LYS A 90 35.98 20.23 11.28
N GLY A 91 35.32 19.75 12.33
CA GLY A 91 35.18 18.31 12.50
C GLY A 91 34.04 17.75 11.65
N TYR A 92 33.91 16.43 11.62
CA TYR A 92 32.85 15.81 10.83
C TYR A 92 31.51 15.75 11.54
N TRP A 93 30.46 16.22 10.87
CA TRP A 93 29.10 16.22 11.39
C TRP A 93 28.31 15.17 10.61
N ILE A 94 27.99 14.07 11.27
CA ILE A 94 27.25 12.96 10.67
C ILE A 94 25.85 13.05 11.28
N ASP A 95 24.87 13.35 10.43
CA ASP A 95 23.50 13.60 10.88
C ASP A 95 22.41 12.68 10.32
N ALA A 96 21.46 12.29 11.16
CA ALA A 96 20.33 11.48 10.73
C ALA A 96 19.16 12.39 10.28
N ALA A 97 19.17 13.64 10.74
CA ALA A 97 18.13 14.62 10.40
C ALA A 97 18.24 15.14 8.96
N SER A 98 17.11 15.58 8.41
CA SER A 98 17.06 16.08 7.03
C SER A 98 17.57 17.51 6.86
N THR A 99 17.73 18.23 7.96
CA THR A 99 18.16 19.62 7.94
C THR A 99 19.16 20.04 6.86
N LEU A 100 20.38 19.49 6.93
CA LEU A 100 21.47 19.83 6.01
C LEU A 100 21.57 19.04 4.70
N ARG A 101 20.67 18.07 4.53
CA ARG A 101 20.67 17.20 3.35
C ARG A 101 20.91 17.87 2.00
N MET A 102 20.19 18.96 1.71
CA MET A 102 20.36 19.63 0.44
C MET A 102 21.33 20.80 0.50
N ASP A 103 22.05 20.90 1.62
CA ASP A 103 23.04 21.95 1.82
C ASP A 103 24.20 21.69 0.85
N LYS A 104 24.67 22.74 0.19
CA LYS A 104 25.76 22.61 -0.78
C LYS A 104 27.08 22.10 -0.16
N GLU A 105 27.21 22.21 1.15
CA GLU A 105 28.42 21.77 1.84
C GLU A 105 28.25 20.39 2.46
N ALA A 106 27.13 19.75 2.15
CA ALA A 106 26.83 18.43 2.68
C ALA A 106 26.69 17.38 1.58
N ILE A 107 27.05 16.15 1.92
CA ILE A 107 26.95 15.03 1.00
C ILE A 107 25.95 14.06 1.64
N ILE A 108 25.01 13.55 0.85
CA ILE A 108 24.05 12.58 1.37
C ILE A 108 24.78 11.24 1.30
N THR A 109 24.92 10.58 2.44
CA THR A 109 25.68 9.33 2.51
C THR A 109 24.92 8.00 2.45
N LEU A 110 25.28 7.20 1.45
CA LEU A 110 24.73 5.86 1.23
C LEU A 110 25.85 5.15 0.47
N ASP A 111 26.97 4.92 1.15
CA ASP A 111 28.16 4.34 0.54
C ASP A 111 28.02 3.12 -0.38
N PRO A 112 27.07 2.20 -0.13
CA PRO A 112 27.04 1.08 -1.07
C PRO A 112 26.71 1.60 -2.48
N VAL A 113 26.10 2.78 -2.53
CA VAL A 113 25.73 3.42 -3.78
C VAL A 113 26.70 4.52 -4.19
N ASN A 114 27.10 5.38 -3.25
CA ASN A 114 28.00 6.49 -3.59
C ASN A 114 29.29 6.62 -2.78
N LEU A 115 29.95 5.50 -2.54
CA LEU A 115 31.22 5.51 -1.82
C LEU A 115 32.22 6.46 -2.49
N LYS A 116 32.29 6.40 -3.81
CA LYS A 116 33.21 7.25 -4.57
C LYS A 116 33.00 8.72 -4.26
N GLN A 117 31.74 9.16 -4.29
CA GLN A 117 31.39 10.54 -4.00
C GLN A 117 31.79 10.93 -2.58
N ILE A 118 31.55 10.02 -1.64
CA ILE A 118 31.89 10.23 -0.23
C ILE A 118 33.41 10.39 -0.06
N LEU A 119 34.16 9.48 -0.66
CA LEU A 119 35.62 9.52 -0.60
C LEU A 119 36.13 10.81 -1.21
N HIS A 120 35.63 11.15 -2.39
CA HIS A 120 36.04 12.39 -3.06
C HIS A 120 35.79 13.56 -2.11
N GLY A 121 34.61 13.57 -1.50
CA GLY A 121 34.26 14.64 -0.60
C GLY A 121 35.22 14.74 0.58
N ILE A 122 35.53 13.60 1.18
CA ILE A 122 36.44 13.58 2.31
C ILE A 122 37.81 14.15 1.92
N HIS A 123 38.32 13.72 0.76
CA HIS A 123 39.62 14.17 0.27
C HIS A 123 39.65 15.64 -0.15
N HIS A 124 38.47 16.23 -0.32
CA HIS A 124 38.41 17.61 -0.76
C HIS A 124 37.82 18.63 0.21
N GLY A 125 37.70 18.25 1.49
CA GLY A 125 37.21 19.21 2.46
C GLY A 125 35.78 19.14 2.95
N THR A 126 34.97 18.23 2.41
CA THR A 126 33.60 18.11 2.86
C THR A 126 33.65 17.55 4.28
N LYS A 127 32.94 18.20 5.19
CA LYS A 127 32.93 17.80 6.59
C LYS A 127 31.54 17.44 7.12
N THR A 128 30.53 17.53 6.25
CA THR A 128 29.16 17.23 6.66
C THR A 128 28.55 16.14 5.79
N PHE A 129 28.16 15.04 6.44
CA PHE A 129 27.56 13.90 5.78
C PHE A 129 26.22 13.59 6.43
N VAL A 130 25.17 13.61 5.60
CA VAL A 130 23.81 13.40 6.07
C VAL A 130 23.17 12.14 5.49
N GLY A 131 22.49 11.38 6.34
CA GLY A 131 21.80 10.19 5.88
C GLY A 131 20.59 10.65 5.08
N GLY A 132 20.29 9.96 3.98
CA GLY A 132 19.16 10.36 3.17
C GLY A 132 17.81 9.95 3.72
N ASN A 133 16.74 10.44 3.09
CA ASN A 133 15.39 10.08 3.53
C ASN A 133 15.31 8.56 3.46
N CYS A 134 14.73 7.95 4.50
CA CYS A 134 14.66 6.50 4.54
C CYS A 134 14.16 5.84 3.25
N THR A 135 13.12 6.40 2.65
CA THR A 135 12.55 5.84 1.43
C THR A 135 13.54 5.88 0.26
N VAL A 136 14.33 6.94 0.19
CA VAL A 136 15.34 7.10 -0.86
C VAL A 136 16.43 6.04 -0.71
N SER A 137 16.96 5.92 0.50
CA SER A 137 18.01 4.95 0.80
C SER A 137 17.58 3.54 0.45
N LEU A 138 16.39 3.16 0.88
CA LEU A 138 15.87 1.83 0.64
C LEU A 138 15.66 1.53 -0.85
N MET A 139 15.20 2.53 -1.59
CA MET A 139 14.97 2.34 -3.02
C MET A 139 16.31 2.13 -3.75
N LEU A 140 17.30 2.95 -3.42
CA LEU A 140 18.60 2.85 -4.06
C LEU A 140 19.36 1.60 -3.64
N MET A 141 19.14 1.12 -2.42
CA MET A 141 19.82 -0.09 -1.98
C MET A 141 19.27 -1.27 -2.80
N ALA A 142 18.03 -1.18 -3.27
CA ALA A 142 17.44 -2.26 -4.04
C ALA A 142 17.73 -2.15 -5.55
N LEU A 143 17.70 -0.92 -6.06
CA LEU A 143 17.91 -0.69 -7.50
C LEU A 143 19.24 -0.05 -7.90
N GLY A 144 20.19 0.02 -6.97
CA GLY A 144 21.48 0.62 -7.28
C GLY A 144 22.15 0.10 -8.54
N GLY A 145 22.03 -1.20 -8.80
CA GLY A 145 22.63 -1.79 -9.98
C GLY A 145 22.15 -1.17 -11.28
N LEU A 146 20.90 -0.73 -11.32
CA LEU A 146 20.33 -0.11 -12.52
C LEU A 146 20.78 1.34 -12.66
N TYR A 147 20.62 2.10 -11.58
CA TYR A 147 21.00 3.51 -11.57
C TYR A 147 22.50 3.72 -11.80
N GLU A 148 23.31 2.80 -11.29
CA GLU A 148 24.76 2.86 -11.43
C GLU A 148 25.16 2.81 -12.90
N ARG A 149 24.37 2.10 -13.70
CA ARG A 149 24.64 1.96 -15.12
C ARG A 149 23.91 2.98 -16.00
N GLY A 150 23.26 3.97 -15.36
CA GLY A 150 22.54 5.00 -16.09
C GLY A 150 21.46 4.46 -17.02
N LEU A 151 20.88 3.33 -16.64
CA LEU A 151 19.85 2.69 -17.45
C LEU A 151 18.42 3.13 -17.18
N VAL A 152 18.22 3.95 -16.15
CA VAL A 152 16.88 4.40 -15.80
C VAL A 152 16.53 5.73 -16.43
N GLU A 153 15.45 5.76 -17.21
CA GLU A 153 14.98 6.97 -17.86
C GLU A 153 14.14 7.76 -16.86
N TRP A 154 13.22 7.06 -16.20
CA TRP A 154 12.38 7.63 -15.14
C TRP A 154 11.80 6.51 -14.29
N MET A 155 11.28 6.86 -13.12
CA MET A 155 10.70 5.85 -12.25
C MET A 155 9.54 6.42 -11.46
N SER A 156 8.44 5.66 -11.41
CA SER A 156 7.23 6.06 -10.67
C SER A 156 7.20 5.17 -9.43
N ALA A 157 7.24 5.78 -8.25
CA ALA A 157 7.24 5.03 -7.00
C ALA A 157 6.00 5.23 -6.13
N MET A 158 5.26 4.15 -5.90
CA MET A 158 4.08 4.18 -5.05
C MET A 158 4.50 3.41 -3.81
N THR A 159 4.54 4.11 -2.68
CA THR A 159 5.02 3.50 -1.45
C THR A 159 4.00 3.02 -0.44
N TYR A 160 4.48 2.19 0.48
CA TYR A 160 3.66 1.61 1.55
C TYR A 160 4.58 1.81 2.76
N GLN A 161 4.45 2.97 3.42
CA GLN A 161 5.31 3.31 4.52
C GLN A 161 4.83 2.99 5.93
N ALA A 162 5.77 2.49 6.74
CA ALA A 162 5.53 2.08 8.12
C ALA A 162 5.37 3.24 9.10
N ALA A 163 4.72 2.97 10.22
CA ALA A 163 4.47 3.99 11.24
C ALA A 163 5.73 4.57 11.87
N SER A 164 6.80 3.78 11.96
CA SER A 164 8.04 4.26 12.57
C SER A 164 8.66 5.45 11.87
N GLY A 165 8.37 5.61 10.58
CA GLY A 165 8.91 6.73 9.84
C GLY A 165 8.44 8.02 10.48
N ALA A 166 7.29 7.95 11.14
CA ALA A 166 6.71 9.10 11.81
C ALA A 166 7.18 9.25 13.25
N GLY A 167 7.72 8.17 13.82
CA GLY A 167 8.20 8.25 15.18
C GLY A 167 7.70 7.14 16.10
N ALA A 168 8.31 7.04 17.27
CA ALA A 168 7.97 6.01 18.25
C ALA A 168 6.50 6.09 18.68
N GLN A 169 6.03 7.30 18.96
CA GLN A 169 4.64 7.48 19.39
C GLN A 169 3.65 7.04 18.31
N ASN A 170 4.03 7.21 17.06
CA ASN A 170 3.14 6.83 15.97
C ASN A 170 3.02 5.31 15.90
N MET A 171 4.12 4.61 16.17
CA MET A 171 4.11 3.16 16.16
C MET A 171 3.21 2.67 17.28
N ARG A 172 3.36 3.30 18.45
CA ARG A 172 2.54 2.92 19.59
C ARG A 172 1.06 3.15 19.28
N GLU A 173 0.76 4.25 18.60
CA GLU A 173 -0.61 4.58 18.24
C GLU A 173 -1.18 3.55 17.28
N LEU A 174 -0.35 3.10 16.35
CA LEU A 174 -0.80 2.10 15.39
C LEU A 174 -1.25 0.83 16.13
N ILE A 175 -0.41 0.36 17.03
CA ILE A 175 -0.72 -0.85 17.78
C ILE A 175 -1.94 -0.63 18.68
N SER A 176 -2.06 0.54 19.28
CA SER A 176 -3.22 0.80 20.13
C SER A 176 -4.51 0.79 19.30
N GLN A 177 -4.45 1.33 18.08
CA GLN A 177 -5.63 1.35 17.22
C GLN A 177 -6.02 -0.09 16.87
N MET A 178 -5.02 -0.94 16.67
CA MET A 178 -5.30 -2.34 16.36
C MET A 178 -6.07 -3.00 17.51
N GLY A 179 -5.68 -2.66 18.73
CA GLY A 179 -6.33 -3.21 19.91
C GLY A 179 -7.76 -2.74 20.02
N VAL A 180 -7.98 -1.45 19.81
CA VAL A 180 -9.30 -0.84 19.87
C VAL A 180 -10.22 -1.49 18.84
N ILE A 181 -9.70 -1.72 17.63
CA ILE A 181 -10.50 -2.35 16.58
C ILE A 181 -10.91 -3.76 17.00
N ASN A 182 -9.96 -4.55 17.47
CA ASN A 182 -10.27 -5.92 17.87
C ASN A 182 -11.24 -5.98 19.06
N ASP A 183 -11.00 -5.13 20.05
CA ASP A 183 -11.86 -5.07 21.22
C ASP A 183 -13.33 -4.87 20.85
N ALA A 184 -13.57 -4.02 19.86
CA ALA A 184 -14.93 -3.70 19.43
C ALA A 184 -15.76 -4.89 18.98
N VAL A 185 -15.12 -5.94 18.47
CA VAL A 185 -15.85 -7.10 17.98
C VAL A 185 -15.26 -8.43 18.44
N SER A 186 -14.39 -8.37 19.43
CA SER A 186 -13.73 -9.55 19.98
C SER A 186 -14.68 -10.70 20.32
N SER A 187 -15.80 -10.39 20.96
CA SER A 187 -16.78 -11.40 21.36
C SER A 187 -17.35 -12.27 20.24
N GLU A 188 -17.70 -11.65 19.11
CA GLU A 188 -18.28 -12.37 17.99
C GLU A 188 -17.31 -12.70 16.86
N LEU A 189 -16.12 -12.11 16.91
CA LEU A 189 -15.12 -12.31 15.86
C LEU A 189 -14.90 -13.77 15.47
N ALA A 190 -14.76 -14.64 16.47
CA ALA A 190 -14.50 -16.06 16.24
C ALA A 190 -15.72 -16.93 15.94
N ASN A 191 -16.90 -16.35 16.04
CA ASN A 191 -18.14 -17.08 15.77
C ASN A 191 -18.49 -16.98 14.29
N PRO A 192 -18.25 -18.05 13.51
CA PRO A 192 -18.55 -18.01 12.07
C PRO A 192 -20.02 -17.82 11.72
N ALA A 193 -20.90 -18.01 12.70
CA ALA A 193 -22.33 -17.85 12.48
C ALA A 193 -22.78 -16.40 12.65
N SER A 194 -21.92 -15.56 13.21
CA SER A 194 -22.26 -14.15 13.41
C SER A 194 -22.08 -13.42 12.09
N SER A 195 -22.83 -12.33 11.92
CA SER A 195 -22.78 -11.55 10.68
C SER A 195 -21.47 -10.81 10.45
N ILE A 196 -20.79 -11.13 9.36
CA ILE A 196 -19.54 -10.43 9.05
C ILE A 196 -19.89 -8.96 8.77
N LEU A 197 -21.08 -8.69 8.25
CA LEU A 197 -21.47 -7.31 7.99
C LEU A 197 -21.63 -6.54 9.30
N ASP A 198 -22.16 -7.20 10.34
CA ASP A 198 -22.33 -6.53 11.63
C ASP A 198 -20.96 -6.26 12.23
N ILE A 199 -20.03 -7.20 12.03
CA ILE A 199 -18.69 -7.04 12.54
C ILE A 199 -18.04 -5.85 11.82
N ASP A 200 -18.19 -5.81 10.51
CA ASP A 200 -17.64 -4.71 9.72
C ASP A 200 -18.25 -3.39 10.16
N LYS A 201 -19.56 -3.39 10.41
CA LYS A 201 -20.26 -2.19 10.84
C LYS A 201 -19.66 -1.64 12.13
N LYS A 202 -19.40 -2.52 13.10
CA LYS A 202 -18.83 -2.10 14.39
C LYS A 202 -17.40 -1.61 14.26
N VAL A 203 -16.61 -2.27 13.42
CA VAL A 203 -15.24 -1.86 13.21
C VAL A 203 -15.23 -0.46 12.59
N ALA A 204 -16.10 -0.23 11.61
CA ALA A 204 -16.18 1.07 10.95
C ALA A 204 -16.58 2.18 11.92
N GLU A 205 -17.54 1.91 12.80
CA GLU A 205 -18.00 2.89 13.80
C GLU A 205 -16.89 3.19 14.80
N THR A 206 -16.21 2.14 15.24
CA THR A 206 -15.14 2.28 16.20
C THR A 206 -14.02 3.16 15.65
N MET A 207 -13.63 2.90 14.41
CA MET A 207 -12.57 3.69 13.77
C MET A 207 -12.98 5.15 13.59
N ARG A 208 -14.27 5.40 13.37
CA ARG A 208 -14.80 6.75 13.17
C ARG A 208 -15.13 7.52 14.46
N SER A 209 -15.22 6.81 15.59
CA SER A 209 -15.55 7.47 16.85
C SER A 209 -14.46 8.46 17.26
N GLY A 210 -14.87 9.52 17.94
CA GLY A 210 -13.94 10.54 18.38
C GLY A 210 -12.88 10.00 19.32
N SER A 211 -13.24 8.96 20.07
CA SER A 211 -12.30 8.36 21.02
C SER A 211 -11.28 7.39 20.42
N PHE A 212 -11.41 7.04 19.15
CA PHE A 212 -10.42 6.17 18.52
C PHE A 212 -9.10 6.93 18.72
N PRO A 213 -8.03 6.25 19.16
CA PRO A 213 -6.75 6.95 19.35
C PRO A 213 -6.08 7.42 18.09
N THR A 214 -6.24 8.71 17.81
CA THR A 214 -5.67 9.31 16.60
C THR A 214 -4.92 10.61 16.85
N ASP A 215 -4.40 10.81 18.06
CA ASP A 215 -3.68 12.05 18.38
C ASP A 215 -2.46 12.29 17.48
N ASN A 216 -1.75 11.23 17.11
CA ASN A 216 -0.55 11.37 16.30
C ASN A 216 -0.79 11.37 14.79
N PHE A 217 -1.61 10.47 14.28
CA PHE A 217 -1.87 10.42 12.85
C PHE A 217 -3.00 11.32 12.41
N GLY A 218 -3.85 11.71 13.35
CA GLY A 218 -4.98 12.58 13.06
C GLY A 218 -6.21 11.84 12.55
N VAL A 219 -5.98 10.68 11.93
CA VAL A 219 -7.03 9.82 11.38
C VAL A 219 -6.60 8.38 11.62
N PRO A 220 -7.47 7.41 11.34
CA PRO A 220 -7.06 6.03 11.56
C PRO A 220 -5.96 5.57 10.61
N LEU A 221 -5.09 4.70 11.08
CA LEU A 221 -4.05 4.11 10.23
C LEU A 221 -4.40 2.62 10.16
N ALA A 222 -4.55 1.99 11.31
CA ALA A 222 -4.90 0.57 11.36
C ALA A 222 -6.25 0.40 10.67
N GLY A 223 -6.33 -0.56 9.75
CA GLY A 223 -7.56 -0.80 9.02
C GLY A 223 -7.76 0.17 7.88
N SER A 224 -6.82 1.08 7.67
CA SER A 224 -6.94 2.08 6.62
C SER A 224 -5.57 2.41 6.03
N LEU A 225 -5.43 3.63 5.54
CA LEU A 225 -4.16 4.10 4.99
C LEU A 225 -4.29 5.62 4.85
N ILE A 226 -3.18 6.30 4.67
CA ILE A 226 -3.19 7.75 4.54
C ILE A 226 -2.29 8.11 3.38
N PRO A 227 -2.88 8.49 2.24
CA PRO A 227 -2.10 8.86 1.06
C PRO A 227 -1.47 10.25 1.05
N TRP A 228 -0.86 10.63 2.17
CA TRP A 228 -0.18 11.92 2.27
C TRP A 228 0.79 11.92 3.45
N ILE A 229 2.06 12.18 3.14
CA ILE A 229 3.11 12.22 4.17
C ILE A 229 3.88 13.53 4.08
N ASP A 230 3.90 14.25 5.20
CA ASP A 230 4.60 15.54 5.31
C ASP A 230 3.84 16.67 4.63
N VAL A 231 4.41 17.88 4.68
CA VAL A 231 3.77 19.06 4.12
C VAL A 231 3.65 19.13 2.60
N LYS A 232 2.70 19.93 2.14
CA LYS A 232 2.46 20.12 0.72
C LYS A 232 3.50 21.07 0.11
N ARG A 233 3.85 20.83 -1.14
CA ARG A 233 4.78 21.70 -1.84
C ARG A 233 3.95 22.40 -2.91
N ASP A 234 4.48 23.48 -3.49
CA ASP A 234 3.73 24.22 -4.49
C ASP A 234 3.23 23.40 -5.66
N ASN A 235 4.00 22.45 -6.18
CA ASN A 235 3.45 21.63 -7.25
C ASN A 235 2.52 20.66 -6.49
N GLY A 236 2.00 19.62 -7.11
CA GLY A 236 1.12 18.78 -6.33
C GLY A 236 1.76 17.87 -5.27
N GLN A 237 3.09 17.78 -5.25
CA GLN A 237 3.80 16.88 -4.32
C GLN A 237 3.77 17.18 -2.84
N SER A 238 3.94 16.12 -2.04
CA SER A 238 4.04 16.24 -0.60
C SER A 238 5.56 16.31 -0.45
N LYS A 239 6.06 16.77 0.69
CA LYS A 239 7.50 16.88 0.85
C LYS A 239 8.17 15.50 0.77
N GLU A 240 7.46 14.48 1.25
CA GLU A 240 8.00 13.12 1.20
C GLU A 240 8.24 12.69 -0.25
N GLU A 241 7.26 12.96 -1.13
CA GLU A 241 7.36 12.61 -2.54
C GLU A 241 8.48 13.39 -3.24
N TRP A 242 8.57 14.69 -2.95
CA TRP A 242 9.58 15.56 -3.53
C TRP A 242 11.01 15.10 -3.19
N LYS A 243 11.21 14.65 -1.95
CA LYS A 243 12.51 14.19 -1.49
C LYS A 243 13.13 13.10 -2.37
N ALA A 244 12.32 12.12 -2.75
CA ALA A 244 12.79 11.01 -3.55
C ALA A 244 13.67 11.44 -4.71
N GLY A 245 13.15 12.33 -5.56
CA GLY A 245 13.91 12.80 -6.71
C GLY A 245 15.14 13.65 -6.43
N VAL A 246 15.00 14.68 -5.61
CA VAL A 246 16.15 15.55 -5.35
C VAL A 246 17.25 14.86 -4.59
N GLU A 247 16.88 14.00 -3.64
CA GLU A 247 17.87 13.30 -2.85
C GLU A 247 18.56 12.19 -3.63
N ALA A 248 17.80 11.46 -4.43
CA ALA A 248 18.36 10.37 -5.23
C ALA A 248 19.35 10.93 -6.25
N ASN A 249 18.96 12.00 -6.92
CA ASN A 249 19.85 12.58 -7.91
C ASN A 249 21.09 13.23 -7.31
N LYS A 250 21.00 13.68 -6.06
CA LYS A 250 22.17 14.27 -5.42
C LYS A 250 23.13 13.13 -5.08
N ILE A 251 22.58 12.04 -4.52
CA ILE A 251 23.38 10.87 -4.16
C ILE A 251 24.13 10.34 -5.38
N LEU A 252 23.41 10.23 -6.49
CA LEU A 252 23.96 9.73 -7.75
C LEU A 252 24.79 10.75 -8.51
N GLY A 253 24.76 12.00 -8.08
CA GLY A 253 25.52 13.05 -8.75
C GLY A 253 25.02 13.39 -10.14
N LEU A 254 23.70 13.48 -10.29
CA LEU A 254 23.07 13.77 -11.59
C LEU A 254 22.22 15.03 -11.56
N GLN A 255 22.49 15.93 -10.63
CA GLN A 255 21.71 17.15 -10.49
C GLN A 255 21.62 18.01 -11.76
N ASP A 256 22.59 17.88 -12.65
CA ASP A 256 22.57 18.67 -13.89
C ASP A 256 21.66 18.05 -14.94
N SER A 257 21.36 16.76 -14.79
CA SER A 257 20.50 16.04 -15.71
C SER A 257 19.91 14.89 -14.88
N PRO A 258 18.99 15.23 -13.97
CA PRO A 258 18.34 14.27 -13.08
C PRO A 258 17.39 13.25 -13.70
N VAL A 259 17.27 12.11 -13.03
CA VAL A 259 16.35 11.08 -13.46
C VAL A 259 15.03 11.46 -12.79
N PRO A 260 13.96 11.64 -13.59
CA PRO A 260 12.69 12.01 -12.99
C PRO A 260 12.15 10.85 -12.14
N ILE A 261 11.91 11.12 -10.87
CA ILE A 261 11.37 10.12 -9.95
C ILE A 261 10.18 10.80 -9.25
N ASP A 262 9.02 10.16 -9.29
CA ASP A 262 7.84 10.75 -8.67
C ASP A 262 6.87 9.63 -8.34
N GLY A 263 5.84 9.96 -7.57
CA GLY A 263 4.85 8.98 -7.17
C GLY A 263 4.09 9.47 -5.96
N THR A 264 3.31 8.58 -5.35
CA THR A 264 2.53 8.94 -4.16
C THR A 264 3.05 8.15 -2.97
N CYS A 265 3.33 8.86 -1.87
CA CYS A 265 3.81 8.21 -0.67
C CYS A 265 2.62 8.00 0.27
N VAL A 266 2.39 6.75 0.62
CA VAL A 266 1.25 6.36 1.45
C VAL A 266 1.66 5.71 2.78
N ARG A 267 1.04 6.14 3.87
CA ARG A 267 1.33 5.54 5.17
C ARG A 267 0.37 4.35 5.35
N ILE A 268 0.90 3.19 5.74
CA ILE A 268 0.05 2.03 5.98
C ILE A 268 0.37 1.46 7.35
N GLY A 269 -0.43 0.50 7.80
CA GLY A 269 -0.25 -0.08 9.11
C GLY A 269 0.90 -1.05 9.34
N ALA A 270 2.10 -0.69 8.92
CA ALA A 270 3.28 -1.53 9.14
C ALA A 270 4.08 -0.89 10.27
N MET A 271 4.86 -1.68 10.99
CA MET A 271 5.63 -1.14 12.10
C MET A 271 6.92 -0.39 11.73
N ARG A 272 7.89 -1.08 11.10
CA ARG A 272 9.14 -0.41 10.77
C ARG A 272 9.77 -0.68 9.39
N CYS A 273 8.99 -1.24 8.47
CA CYS A 273 9.49 -1.51 7.13
C CYS A 273 8.71 -0.75 6.07
N HIS A 274 9.45 -0.17 5.13
CA HIS A 274 8.85 0.56 4.02
C HIS A 274 8.92 -0.34 2.80
N SER A 275 7.83 -0.38 2.04
CA SER A 275 7.76 -1.20 0.82
C SER A 275 7.46 -0.24 -0.33
N GLN A 276 7.92 -0.58 -1.53
CA GLN A 276 7.69 0.27 -2.69
C GLN A 276 7.37 -0.53 -3.95
N ALA A 277 6.38 -0.05 -4.70
CA ALA A 277 5.95 -0.66 -5.95
C ALA A 277 6.44 0.32 -7.02
N LEU A 278 7.41 -0.09 -7.82
CA LEU A 278 7.99 0.77 -8.84
C LEU A 278 7.69 0.44 -10.30
N THR A 279 7.48 1.48 -11.09
CA THR A 279 7.27 1.34 -12.52
C THR A 279 8.55 1.99 -13.03
N ILE A 280 9.48 1.16 -13.48
CA ILE A 280 10.77 1.64 -13.94
C ILE A 280 10.89 1.67 -15.46
N LYS A 281 11.09 2.86 -16.01
CA LYS A 281 11.25 2.99 -17.46
C LYS A 281 12.74 2.91 -17.76
N LEU A 282 13.14 1.90 -18.52
CA LEU A 282 14.54 1.72 -18.89
C LEU A 282 14.82 2.43 -20.21
N LYS A 283 16.05 2.90 -20.37
CA LYS A 283 16.45 3.59 -21.60
C LYS A 283 16.63 2.61 -22.75
N GLN A 284 16.86 1.34 -22.42
CA GLN A 284 17.06 0.30 -23.42
C GLN A 284 16.30 -0.95 -23.05
N ASN A 285 16.07 -1.80 -24.05
CA ASN A 285 15.37 -3.06 -23.83
C ASN A 285 16.43 -4.08 -23.43
N ILE A 286 16.66 -4.18 -22.13
CA ILE A 286 17.66 -5.08 -21.57
C ILE A 286 17.02 -6.41 -21.16
N PRO A 287 17.69 -7.54 -21.45
CA PRO A 287 17.12 -8.84 -21.07
C PRO A 287 16.88 -8.89 -19.56
N LEU A 288 15.76 -9.47 -19.15
CA LEU A 288 15.44 -9.57 -17.74
C LEU A 288 16.59 -10.23 -16.97
N ASP A 289 17.27 -11.18 -17.61
CA ASP A 289 18.39 -11.90 -17.00
C ASP A 289 19.48 -10.93 -16.55
N GLU A 290 19.86 -10.03 -17.45
CA GLU A 290 20.90 -9.05 -17.16
C GLU A 290 20.46 -8.10 -16.05
N ILE A 291 19.18 -7.72 -16.08
CA ILE A 291 18.62 -6.83 -15.07
C ILE A 291 18.75 -7.48 -13.69
N GLU A 292 18.37 -8.76 -13.60
CA GLU A 292 18.44 -9.49 -12.34
C GLU A 292 19.87 -9.58 -11.82
N GLU A 293 20.81 -9.84 -12.72
CA GLU A 293 22.22 -9.94 -12.33
C GLU A 293 22.70 -8.57 -11.86
N MET A 294 22.39 -7.55 -12.66
CA MET A 294 22.79 -6.17 -12.35
C MET A 294 22.31 -5.76 -10.97
N ILE A 295 21.04 -6.02 -10.69
CA ILE A 295 20.47 -5.67 -9.41
C ILE A 295 21.09 -6.49 -8.28
N ALA A 296 21.11 -7.81 -8.46
CA ALA A 296 21.63 -8.71 -7.43
C ALA A 296 23.11 -8.59 -7.07
N THR A 297 23.95 -8.21 -8.02
CA THR A 297 25.38 -8.10 -7.74
C THR A 297 25.87 -6.72 -7.29
N HIS A 298 24.96 -5.76 -7.17
CA HIS A 298 25.35 -4.41 -6.78
C HIS A 298 25.90 -4.24 -5.35
N ASN A 299 25.26 -4.89 -4.38
CA ASN A 299 25.70 -4.79 -2.99
C ASN A 299 25.38 -6.08 -2.24
N ASP A 300 25.96 -6.22 -1.05
CA ASP A 300 25.77 -7.41 -0.22
C ASP A 300 24.42 -7.58 0.48
N TRP A 301 23.56 -6.57 0.40
CA TRP A 301 22.27 -6.63 1.10
C TRP A 301 21.03 -6.86 0.27
N VAL A 302 21.04 -6.39 -0.97
CA VAL A 302 19.89 -6.59 -1.84
C VAL A 302 19.72 -8.09 -2.04
N LYS A 303 18.47 -8.54 -2.11
CA LYS A 303 18.19 -9.96 -2.30
C LYS A 303 17.09 -10.09 -3.33
N VAL A 304 17.41 -10.64 -4.49
CA VAL A 304 16.41 -10.79 -5.54
C VAL A 304 15.64 -12.10 -5.33
N ILE A 305 14.33 -11.94 -5.14
CA ILE A 305 13.41 -13.06 -4.89
C ILE A 305 12.77 -13.61 -6.17
N PRO A 306 12.74 -14.94 -6.34
CA PRO A 306 12.12 -15.52 -7.54
C PRO A 306 10.70 -14.97 -7.67
N ASN A 307 10.25 -14.77 -8.91
CA ASN A 307 8.92 -14.22 -9.14
C ASN A 307 7.87 -15.33 -9.08
N GLU A 308 7.66 -15.85 -7.89
CA GLU A 308 6.73 -16.93 -7.65
C GLU A 308 5.87 -16.60 -6.42
N ARG A 309 4.60 -17.02 -6.44
CA ARG A 309 3.65 -16.71 -5.37
C ARG A 309 4.07 -17.01 -3.92
N ASP A 310 4.27 -18.28 -3.60
CA ASP A 310 4.65 -18.69 -2.26
C ASP A 310 5.93 -18.07 -1.71
N ILE A 311 7.00 -18.05 -2.51
CA ILE A 311 8.27 -17.48 -2.07
C ILE A 311 8.14 -15.96 -1.88
N THR A 312 7.31 -15.32 -2.69
CA THR A 312 7.10 -13.89 -2.58
C THR A 312 6.36 -13.57 -1.28
N ALA A 313 5.34 -14.37 -0.97
CA ALA A 313 4.55 -14.15 0.25
C ALA A 313 5.35 -14.30 1.52
N ARG A 314 6.36 -15.17 1.49
CA ARG A 314 7.15 -15.40 2.69
C ARG A 314 8.40 -14.54 2.77
N GLU A 315 8.90 -14.09 1.62
CA GLU A 315 10.14 -13.30 1.59
C GLU A 315 10.04 -11.79 1.36
N LEU A 316 9.09 -11.37 0.54
CA LEU A 316 8.96 -9.97 0.18
C LEU A 316 7.92 -9.21 1.01
N THR A 317 8.11 -9.20 2.32
CA THR A 317 7.18 -8.53 3.23
C THR A 317 7.86 -7.95 4.46
N PRO A 318 7.21 -6.98 5.12
CA PRO A 318 7.75 -6.36 6.33
C PRO A 318 7.94 -7.43 7.42
N ALA A 319 7.01 -8.37 7.51
CA ALA A 319 7.10 -9.43 8.51
C ALA A 319 8.44 -10.17 8.39
N LYS A 320 8.86 -10.43 7.17
CA LYS A 320 10.12 -11.09 6.93
C LYS A 320 11.32 -10.18 7.18
N VAL A 321 11.25 -8.97 6.65
CA VAL A 321 12.35 -8.02 6.72
C VAL A 321 12.60 -7.25 8.02
N THR A 322 11.54 -6.96 8.78
CA THR A 322 11.71 -6.18 10.00
C THR A 322 12.87 -6.55 10.90
N GLY A 323 13.66 -5.55 11.28
CA GLY A 323 14.79 -5.77 12.16
C GLY A 323 16.05 -6.35 11.53
N THR A 324 16.05 -6.48 10.20
CA THR A 324 17.20 -7.04 9.49
C THR A 324 17.75 -6.03 8.47
N LEU A 325 18.98 -6.28 8.01
CA LEU A 325 19.64 -5.41 7.04
C LEU A 325 19.41 -5.85 5.60
N SER A 326 18.59 -6.88 5.42
CA SER A 326 18.29 -7.41 4.09
C SER A 326 17.32 -6.50 3.34
N VAL A 327 17.56 -6.35 2.04
CA VAL A 327 16.71 -5.51 1.20
C VAL A 327 16.23 -6.34 0.02
N PRO A 328 15.17 -7.14 0.21
CA PRO A 328 14.67 -7.96 -0.89
C PRO A 328 13.94 -7.14 -1.95
N VAL A 329 14.03 -7.61 -3.19
CA VAL A 329 13.36 -6.99 -4.31
C VAL A 329 12.82 -8.14 -5.17
N GLY A 330 11.54 -8.04 -5.55
CA GLY A 330 10.95 -9.09 -6.35
C GLY A 330 9.93 -8.60 -7.36
N ARG A 331 9.13 -9.52 -7.88
CA ARG A 331 8.12 -9.21 -8.88
C ARG A 331 8.78 -8.54 -10.09
N LEU A 332 10.07 -8.82 -10.30
CA LEU A 332 10.79 -8.26 -11.43
C LEU A 332 10.34 -8.87 -12.73
N ARG A 333 9.77 -8.04 -13.60
CA ARG A 333 9.25 -8.51 -14.88
C ARG A 333 8.97 -7.32 -15.79
N LYS A 334 8.98 -7.58 -17.10
CA LYS A 334 8.69 -6.52 -18.07
C LYS A 334 7.17 -6.32 -18.01
N MET A 335 6.71 -5.09 -18.20
CA MET A 335 5.28 -4.82 -18.12
C MET A 335 4.57 -4.76 -19.46
N ALA A 336 3.24 -4.73 -19.42
CA ALA A 336 2.43 -4.69 -20.63
C ALA A 336 2.76 -3.51 -21.54
N MET A 337 3.28 -2.43 -20.96
CA MET A 337 3.60 -1.24 -21.73
C MET A 337 4.76 -1.41 -22.70
N GLY A 338 5.61 -2.41 -22.47
CA GLY A 338 6.74 -2.63 -23.35
C GLY A 338 7.93 -3.26 -22.65
N ASP A 339 8.86 -3.81 -23.44
CA ASP A 339 10.03 -4.46 -22.88
C ASP A 339 11.02 -3.50 -22.21
N ASP A 340 10.74 -2.20 -22.27
CA ASP A 340 11.61 -1.24 -21.60
C ASP A 340 10.92 -0.69 -20.34
N PHE A 341 9.84 -1.36 -19.95
CA PHE A 341 9.08 -1.01 -18.74
C PHE A 341 9.28 -2.17 -17.78
N LEU A 342 9.85 -1.88 -16.62
CA LEU A 342 10.15 -2.90 -15.62
C LEU A 342 9.40 -2.69 -14.31
N ASN A 343 8.72 -3.75 -13.85
CA ASN A 343 7.99 -3.68 -12.59
C ASN A 343 8.92 -4.23 -11.49
N ALA A 344 8.81 -3.69 -10.29
CA ALA A 344 9.62 -4.15 -9.16
C ALA A 344 8.93 -3.80 -7.86
N PHE A 345 9.07 -4.68 -6.87
CA PHE A 345 8.48 -4.43 -5.55
C PHE A 345 9.59 -4.73 -4.53
N THR A 346 9.87 -3.79 -3.64
CA THR A 346 10.93 -3.99 -2.66
C THR A 346 10.48 -3.63 -1.24
N VAL A 347 11.16 -4.21 -0.26
CA VAL A 347 10.86 -3.97 1.15
C VAL A 347 12.18 -3.74 1.88
N GLY A 348 12.21 -2.80 2.80
CA GLY A 348 13.42 -2.54 3.55
C GLY A 348 13.12 -2.02 4.94
N ASP A 349 14.01 -2.30 5.89
CA ASP A 349 13.82 -1.84 7.25
C ASP A 349 14.25 -0.37 7.29
N GLN A 350 13.32 0.51 7.61
CA GLN A 350 13.63 1.94 7.61
C GLN A 350 14.46 2.50 8.76
N LEU A 351 14.69 1.69 9.78
CA LEU A 351 15.49 2.12 10.93
C LEU A 351 16.94 1.72 10.74
N LEU A 352 17.20 0.73 9.89
CA LEU A 352 18.56 0.30 9.65
C LEU A 352 19.19 1.03 8.44
N TRP A 353 19.01 0.50 7.23
CA TRP A 353 19.57 1.18 6.05
C TRP A 353 18.87 2.52 5.83
N GLY A 354 17.66 2.63 6.33
CA GLY A 354 16.90 3.87 6.17
C GLY A 354 17.24 4.90 7.22
N ALA A 355 18.10 4.56 8.17
CA ALA A 355 18.44 5.53 9.19
C ALA A 355 19.81 5.38 9.87
N ALA A 356 19.94 4.37 10.72
CA ALA A 356 21.18 4.16 11.47
C ALA A 356 22.41 3.64 10.73
N GLU A 357 22.24 2.64 9.87
CA GLU A 357 23.39 2.05 9.19
C GLU A 357 24.32 2.99 8.43
N PRO A 358 23.76 3.90 7.59
CA PRO A 358 24.63 4.82 6.85
C PRO A 358 25.50 5.68 7.78
N LEU A 359 24.99 5.97 8.97
CA LEU A 359 25.71 6.80 9.93
C LEU A 359 26.97 6.12 10.47
N ARG A 360 26.85 4.89 10.92
CA ARG A 360 28.02 4.19 11.45
C ARG A 360 29.01 3.82 10.34
N ARG A 361 28.50 3.57 9.15
CA ARG A 361 29.38 3.22 8.03
C ARG A 361 30.20 4.43 7.60
N THR A 362 29.57 5.60 7.65
CA THR A 362 30.25 6.82 7.27
C THR A 362 31.40 7.05 8.24
N LEU A 363 31.15 6.76 9.51
CA LEU A 363 32.16 6.91 10.56
C LEU A 363 33.35 6.01 10.25
N ARG A 364 33.07 4.76 9.90
CA ARG A 364 34.13 3.79 9.60
C ARG A 364 34.93 4.22 8.36
N ILE A 365 34.26 4.81 7.38
CA ILE A 365 34.92 5.29 6.16
C ILE A 365 35.88 6.43 6.49
N ILE A 366 35.42 7.37 7.31
CA ILE A 366 36.25 8.51 7.71
C ILE A 366 37.43 8.01 8.53
N LEU A 367 37.20 7.01 9.37
CA LEU A 367 38.28 6.43 10.18
C LEU A 367 39.35 5.83 9.29
N ALA A 368 38.93 5.16 8.23
CA ALA A 368 39.86 4.52 7.29
C ALA A 368 40.66 5.52 6.44
N GLU A 369 40.06 6.65 6.08
CA GLU A 369 40.78 7.64 5.29
C GLU A 369 41.49 8.64 6.19
N MET B 1 -41.96 -10.62 -13.03
CA MET B 1 -40.67 -11.31 -13.30
C MET B 1 -40.20 -12.08 -12.07
N ARG B 2 -40.03 -13.40 -12.24
CA ARG B 2 -39.58 -14.26 -11.16
C ARG B 2 -38.06 -14.28 -11.16
N VAL B 3 -37.48 -13.79 -10.06
CA VAL B 3 -36.03 -13.72 -9.95
C VAL B 3 -35.50 -14.62 -8.85
N GLY B 4 -34.57 -15.51 -9.22
CA GLY B 4 -33.99 -16.41 -8.25
C GLY B 4 -32.76 -15.81 -7.60
N LEU B 5 -32.65 -15.95 -6.28
CA LEU B 5 -31.51 -15.43 -5.55
C LEU B 5 -30.66 -16.59 -5.01
N VAL B 6 -29.46 -16.74 -5.55
CA VAL B 6 -28.56 -17.80 -5.12
C VAL B 6 -27.36 -17.12 -4.48
N GLY B 7 -26.91 -17.64 -3.34
CA GLY B 7 -25.76 -17.06 -2.65
C GLY B 7 -26.10 -15.79 -1.89
N TRP B 8 -27.37 -15.61 -1.58
CA TRP B 8 -27.86 -14.44 -0.86
C TRP B 8 -27.38 -14.40 0.59
N ARG B 9 -26.96 -15.55 1.12
CA ARG B 9 -26.54 -15.62 2.52
C ARG B 9 -25.07 -15.32 2.79
N GLY B 10 -24.23 -15.43 1.77
CA GLY B 10 -22.80 -15.17 1.92
C GLY B 10 -22.47 -13.70 2.15
N MET B 11 -21.20 -13.34 2.03
CA MET B 11 -20.81 -11.96 2.26
C MET B 11 -21.31 -11.00 1.19
N VAL B 12 -21.03 -11.29 -0.06
CA VAL B 12 -21.47 -10.43 -1.16
C VAL B 12 -22.98 -10.48 -1.26
N GLY B 13 -23.56 -11.66 -0.99
CA GLY B 13 -25.00 -11.80 -1.04
C GLY B 13 -25.71 -10.95 0.00
N SER B 14 -25.11 -10.86 1.18
CA SER B 14 -25.69 -10.07 2.27
C SER B 14 -25.69 -8.58 1.94
N VAL B 15 -24.63 -8.12 1.30
CA VAL B 15 -24.54 -6.72 0.92
C VAL B 15 -25.59 -6.47 -0.16
N LEU B 16 -25.77 -7.44 -1.06
CA LEU B 16 -26.75 -7.31 -2.12
C LEU B 16 -28.16 -7.25 -1.53
N MET B 17 -28.47 -8.20 -0.65
CA MET B 17 -29.78 -8.24 -0.01
C MET B 17 -30.07 -6.91 0.68
N GLN B 18 -29.06 -6.40 1.38
CA GLN B 18 -29.16 -5.13 2.11
C GLN B 18 -29.45 -3.98 1.14
N ARG B 19 -28.74 -3.97 0.02
CA ARG B 19 -28.95 -2.93 -0.98
C ARG B 19 -30.30 -3.07 -1.67
N MET B 20 -30.72 -4.30 -1.96
CA MET B 20 -32.01 -4.52 -2.60
C MET B 20 -33.17 -4.09 -1.72
N VAL B 21 -33.00 -4.22 -0.42
CA VAL B 21 -34.03 -3.80 0.53
C VAL B 21 -34.05 -2.26 0.59
N GLU B 22 -32.87 -1.66 0.65
CA GLU B 22 -32.77 -0.20 0.72
C GLU B 22 -33.37 0.45 -0.53
N GLU B 23 -33.14 -0.14 -1.70
CA GLU B 23 -33.66 0.41 -2.95
C GLU B 23 -35.04 -0.14 -3.27
N ARG B 24 -35.55 -1.01 -2.40
CA ARG B 24 -36.86 -1.63 -2.57
C ARG B 24 -37.00 -2.33 -3.92
N ASP B 25 -35.98 -3.11 -4.29
CA ASP B 25 -35.99 -3.85 -5.54
C ASP B 25 -36.97 -5.02 -5.49
N PHE B 26 -37.19 -5.54 -4.30
CA PHE B 26 -38.10 -6.67 -4.13
C PHE B 26 -39.54 -6.31 -4.48
N ASP B 27 -39.86 -5.02 -4.42
CA ASP B 27 -41.19 -4.55 -4.75
C ASP B 27 -41.45 -4.70 -6.24
N LEU B 28 -40.36 -4.80 -7.02
CA LEU B 28 -40.49 -4.91 -8.47
C LEU B 28 -40.40 -6.33 -9.00
N ILE B 29 -40.02 -7.28 -8.15
CA ILE B 29 -39.89 -8.66 -8.60
C ILE B 29 -40.56 -9.68 -7.70
N GLU B 30 -40.60 -10.90 -8.20
CA GLU B 30 -41.15 -12.05 -7.49
C GLU B 30 -39.91 -12.85 -7.12
N PRO B 31 -39.41 -12.64 -5.89
CA PRO B 31 -38.21 -13.33 -5.40
C PRO B 31 -38.38 -14.80 -5.01
N VAL B 32 -37.41 -15.60 -5.43
CA VAL B 32 -37.38 -17.03 -5.14
C VAL B 32 -35.98 -17.28 -4.60
N PHE B 33 -35.87 -17.70 -3.34
CA PHE B 33 -34.57 -17.94 -2.74
C PHE B 33 -34.09 -19.38 -2.81
N PHE B 34 -32.83 -19.56 -3.14
CA PHE B 34 -32.22 -20.88 -3.24
C PHE B 34 -31.12 -21.07 -2.22
N SER B 35 -30.76 -22.32 -2.01
CA SER B 35 -29.74 -22.69 -1.03
C SER B 35 -29.06 -23.98 -1.47
N THR B 36 -27.85 -24.21 -1.01
CA THR B 36 -27.14 -25.43 -1.34
C THR B 36 -26.95 -26.23 -0.06
N SER B 37 -27.53 -25.74 1.03
CA SER B 37 -27.39 -26.41 2.33
C SER B 37 -28.58 -26.28 3.29
N GLN B 38 -29.53 -25.39 2.99
CA GLN B 38 -30.67 -25.23 3.88
C GLN B 38 -32.00 -25.39 3.15
N ILE B 39 -32.03 -26.29 2.17
CA ILE B 39 -33.24 -26.55 1.39
C ILE B 39 -34.38 -26.94 2.34
N GLY B 40 -35.55 -26.35 2.13
CA GLY B 40 -36.69 -26.67 2.98
C GLY B 40 -36.92 -25.65 4.07
N VAL B 41 -35.83 -25.09 4.59
CA VAL B 41 -35.90 -24.08 5.63
C VAL B 41 -36.63 -22.86 5.08
N PRO B 42 -37.38 -22.14 5.92
CA PRO B 42 -38.08 -20.96 5.41
C PRO B 42 -37.12 -19.92 4.83
N ALA B 43 -37.48 -19.35 3.68
CA ALA B 43 -36.66 -18.34 3.03
C ALA B 43 -36.69 -17.04 3.83
N PRO B 44 -35.63 -16.23 3.74
CA PRO B 44 -35.60 -14.97 4.47
C PRO B 44 -36.70 -14.03 3.98
N ASN B 45 -37.20 -13.19 4.88
CA ASN B 45 -38.25 -12.27 4.50
C ASN B 45 -37.71 -10.84 4.43
N PHE B 46 -37.44 -10.40 3.21
CA PHE B 46 -36.95 -9.04 2.97
C PHE B 46 -38.10 -8.17 2.49
N GLY B 47 -39.27 -8.38 3.09
CA GLY B 47 -40.44 -7.62 2.71
C GLY B 47 -41.53 -8.48 2.09
N LYS B 48 -41.12 -9.56 1.43
CA LYS B 48 -42.07 -10.47 0.79
C LYS B 48 -41.87 -11.90 1.29
N ASP B 49 -42.97 -12.62 1.45
CA ASP B 49 -42.88 -14.01 1.88
C ASP B 49 -42.50 -14.79 0.63
N ALA B 50 -41.25 -15.24 0.58
CA ALA B 50 -40.76 -16.01 -0.57
C ALA B 50 -40.94 -17.50 -0.34
N GLY B 51 -41.60 -17.85 0.76
CA GLY B 51 -41.82 -19.26 1.06
C GLY B 51 -40.61 -19.96 1.64
N MET B 52 -40.31 -21.13 1.10
CA MET B 52 -39.18 -21.92 1.56
C MET B 52 -37.98 -21.80 0.62
N LEU B 53 -36.80 -22.18 1.13
CA LEU B 53 -35.58 -22.14 0.35
C LEU B 53 -35.56 -23.32 -0.61
N HIS B 54 -35.41 -23.05 -1.90
CA HIS B 54 -35.39 -24.09 -2.93
C HIS B 54 -34.01 -24.68 -3.09
N ASP B 55 -33.92 -25.75 -3.89
CA ASP B 55 -32.65 -26.40 -4.14
C ASP B 55 -31.88 -25.67 -5.26
N ALA B 56 -30.75 -25.08 -4.88
CA ALA B 56 -29.91 -24.33 -5.81
C ALA B 56 -29.31 -25.13 -6.95
N PHE B 57 -29.38 -26.46 -6.85
CA PHE B 57 -28.83 -27.32 -7.89
C PHE B 57 -29.91 -27.98 -8.75
N ASP B 58 -31.17 -27.70 -8.43
CA ASP B 58 -32.28 -28.27 -9.17
C ASP B 58 -32.47 -27.46 -10.47
N ILE B 59 -31.88 -27.97 -11.55
CA ILE B 59 -31.96 -27.30 -12.84
C ILE B 59 -33.40 -27.05 -13.27
N GLU B 60 -34.28 -28.00 -12.98
CA GLU B 60 -35.68 -27.88 -13.37
C GLU B 60 -36.41 -26.72 -12.69
N SER B 61 -36.07 -26.43 -11.44
CA SER B 61 -36.72 -25.32 -10.74
C SER B 61 -36.11 -24.00 -11.21
N LEU B 62 -34.81 -24.01 -11.43
CA LEU B 62 -34.11 -22.82 -11.90
C LEU B 62 -34.66 -22.39 -13.26
N LYS B 63 -35.08 -23.38 -14.03
CA LYS B 63 -35.61 -23.18 -15.37
C LYS B 63 -36.93 -22.40 -15.38
N GLN B 64 -37.63 -22.38 -14.25
CA GLN B 64 -38.90 -21.66 -14.17
C GLN B 64 -38.73 -20.19 -13.82
N LEU B 65 -37.47 -19.74 -13.73
CA LEU B 65 -37.18 -18.36 -13.39
C LEU B 65 -36.94 -17.54 -14.65
N ASP B 66 -37.18 -16.24 -14.55
CA ASP B 66 -36.96 -15.33 -15.66
C ASP B 66 -35.53 -14.81 -15.60
N ALA B 67 -34.96 -14.83 -14.40
CA ALA B 67 -33.60 -14.37 -14.19
C ALA B 67 -33.06 -14.97 -12.91
N VAL B 68 -31.75 -14.96 -12.77
CA VAL B 68 -31.09 -15.48 -11.59
C VAL B 68 -29.93 -14.58 -11.20
N ILE B 69 -29.86 -14.18 -9.95
CA ILE B 69 -28.74 -13.36 -9.50
C ILE B 69 -28.01 -14.27 -8.52
N THR B 70 -26.81 -14.70 -8.89
CA THR B 70 -26.03 -15.58 -8.04
C THR B 70 -24.76 -14.97 -7.46
N CYS B 71 -24.60 -15.12 -6.15
CA CYS B 71 -23.41 -14.64 -5.45
C CYS B 71 -22.80 -15.88 -4.78
N GLN B 72 -23.25 -17.05 -5.22
CA GLN B 72 -22.80 -18.32 -4.67
C GLN B 72 -21.31 -18.62 -4.84
N GLY B 73 -20.78 -18.40 -6.04
CA GLY B 73 -19.38 -18.66 -6.25
C GLY B 73 -19.08 -19.28 -7.61
N GLY B 74 -17.80 -19.27 -7.97
CA GLY B 74 -17.38 -19.81 -9.27
C GLY B 74 -17.70 -21.27 -9.52
N SER B 75 -17.35 -22.14 -8.58
CA SER B 75 -17.61 -23.57 -8.74
C SER B 75 -19.10 -23.83 -8.94
N TYR B 76 -19.95 -23.03 -8.30
CA TYR B 76 -21.39 -23.18 -8.44
C TYR B 76 -21.80 -22.92 -9.87
N THR B 77 -21.37 -21.78 -10.40
CA THR B 77 -21.67 -21.39 -11.78
C THR B 77 -21.21 -22.45 -12.77
N GLU B 78 -19.97 -22.92 -12.60
CA GLU B 78 -19.39 -23.93 -13.49
C GLU B 78 -20.26 -25.19 -13.53
N LYS B 79 -20.75 -25.60 -12.37
CA LYS B 79 -21.57 -26.79 -12.27
C LYS B 79 -22.97 -26.58 -12.84
N VAL B 80 -23.64 -25.53 -12.36
CA VAL B 80 -25.01 -25.24 -12.77
C VAL B 80 -25.28 -24.49 -14.09
N TYR B 81 -24.55 -23.42 -14.36
CA TYR B 81 -24.78 -22.65 -15.58
C TYR B 81 -24.84 -23.45 -16.89
N PRO B 82 -23.82 -24.28 -17.16
CA PRO B 82 -23.83 -25.07 -18.40
C PRO B 82 -25.07 -25.95 -18.54
N ALA B 83 -25.34 -26.74 -17.51
CA ALA B 83 -26.50 -27.63 -17.50
C ALA B 83 -27.81 -26.87 -17.64
N LEU B 84 -27.86 -25.66 -17.11
CA LEU B 84 -29.06 -24.84 -17.19
C LEU B 84 -29.30 -24.28 -18.60
N ARG B 85 -28.25 -23.79 -19.24
CA ARG B 85 -28.36 -23.26 -20.60
C ARG B 85 -28.66 -24.40 -21.56
N GLN B 86 -28.04 -25.55 -21.30
CA GLN B 86 -28.21 -26.74 -22.11
C GLN B 86 -29.63 -27.26 -22.00
N ALA B 87 -30.26 -27.02 -20.85
CA ALA B 87 -31.64 -27.46 -20.63
C ALA B 87 -32.59 -26.55 -21.39
N GLY B 88 -32.01 -25.59 -22.11
CA GLY B 88 -32.82 -24.66 -22.90
C GLY B 88 -33.19 -23.37 -22.20
N TRP B 89 -32.73 -23.17 -20.96
CA TRP B 89 -33.05 -21.95 -20.24
C TRP B 89 -32.50 -20.73 -20.97
N LYS B 90 -33.38 -19.78 -21.25
CA LYS B 90 -32.99 -18.56 -21.96
C LYS B 90 -33.16 -17.34 -21.06
N GLY B 91 -33.14 -17.56 -19.76
CA GLY B 91 -33.31 -16.46 -18.81
C GLY B 91 -32.01 -15.69 -18.62
N TYR B 92 -32.08 -14.60 -17.85
CA TYR B 92 -30.90 -13.80 -17.57
C TYR B 92 -30.13 -14.32 -16.38
N TRP B 93 -28.83 -14.53 -16.57
CA TRP B 93 -27.95 -15.01 -15.51
C TRP B 93 -27.04 -13.86 -15.11
N ILE B 94 -27.26 -13.32 -13.91
CA ILE B 94 -26.49 -12.20 -13.36
C ILE B 94 -25.57 -12.82 -12.30
N ASP B 95 -24.26 -12.79 -12.59
CA ASP B 95 -23.26 -13.45 -11.74
C ASP B 95 -22.17 -12.55 -11.11
N ALA B 96 -21.84 -12.84 -9.86
CA ALA B 96 -20.79 -12.10 -9.14
C ALA B 96 -19.45 -12.80 -9.38
N ALA B 97 -19.52 -14.09 -9.72
CA ALA B 97 -18.32 -14.91 -9.96
C ALA B 97 -17.62 -14.57 -11.26
N SER B 98 -16.32 -14.87 -11.32
CA SER B 98 -15.50 -14.56 -12.50
C SER B 98 -15.57 -15.61 -13.58
N THR B 99 -16.26 -16.71 -13.29
CA THR B 99 -16.38 -17.83 -14.23
C THR B 99 -16.68 -17.50 -15.70
N LEU B 100 -17.80 -16.83 -15.95
CA LEU B 100 -18.24 -16.50 -17.31
C LEU B 100 -17.77 -15.13 -17.81
N ARG B 101 -17.06 -14.41 -16.96
CA ARG B 101 -16.60 -13.06 -17.26
C ARG B 101 -15.98 -12.86 -18.65
N MET B 102 -15.15 -13.79 -19.11
CA MET B 102 -14.51 -13.63 -20.41
C MET B 102 -15.11 -14.44 -21.57
N ASP B 103 -16.34 -14.93 -21.38
CA ASP B 103 -17.04 -15.70 -22.40
C ASP B 103 -17.62 -14.73 -23.42
N LYS B 104 -17.47 -15.04 -24.70
CA LYS B 104 -17.98 -14.18 -25.77
C LYS B 104 -19.48 -13.89 -25.62
N GLU B 105 -20.20 -14.84 -25.04
CA GLU B 105 -21.65 -14.70 -24.83
C GLU B 105 -21.99 -13.82 -23.63
N ALA B 106 -20.98 -13.47 -22.84
CA ALA B 106 -21.20 -12.66 -21.64
C ALA B 106 -20.73 -11.21 -21.74
N ILE B 107 -21.43 -10.34 -21.02
CA ILE B 107 -21.09 -8.93 -20.95
C ILE B 107 -20.72 -8.62 -19.51
N ILE B 108 -19.59 -7.94 -19.32
CA ILE B 108 -19.15 -7.54 -17.99
C ILE B 108 -19.95 -6.27 -17.72
N THR B 109 -20.75 -6.27 -16.67
CA THR B 109 -21.61 -5.14 -16.35
C THR B 109 -21.11 -4.08 -15.35
N LEU B 110 -21.00 -2.85 -15.82
CA LEU B 110 -20.58 -1.69 -15.01
C LEU B 110 -21.22 -0.51 -15.76
N ASP B 111 -22.55 -0.47 -15.74
CA ASP B 111 -23.33 0.54 -16.48
C ASP B 111 -22.94 2.02 -16.39
N PRO B 112 -22.41 2.49 -15.26
CA PRO B 112 -22.06 3.91 -15.28
C PRO B 112 -21.00 4.15 -16.36
N VAL B 113 -20.33 3.06 -16.73
CA VAL B 113 -19.28 3.08 -17.73
C VAL B 113 -19.74 2.52 -19.08
N ASN B 114 -20.44 1.39 -19.05
CA ASN B 114 -20.87 0.76 -20.29
C ASN B 114 -22.36 0.45 -20.44
N LEU B 115 -23.22 1.38 -20.04
CA LEU B 115 -24.67 1.19 -20.16
C LEU B 115 -25.05 0.82 -21.61
N LYS B 116 -24.52 1.59 -22.55
CA LYS B 116 -24.82 1.38 -23.97
C LYS B 116 -24.50 -0.04 -24.42
N GLN B 117 -23.36 -0.56 -24.00
CA GLN B 117 -22.95 -1.93 -24.36
C GLN B 117 -23.97 -2.93 -23.78
N ILE B 118 -24.36 -2.69 -22.54
CA ILE B 118 -25.31 -3.55 -21.85
C ILE B 118 -26.67 -3.53 -22.53
N LEU B 119 -27.14 -2.34 -22.89
CA LEU B 119 -28.43 -2.22 -23.56
C LEU B 119 -28.40 -2.90 -24.93
N HIS B 120 -27.36 -2.65 -25.71
CA HIS B 120 -27.25 -3.27 -27.02
C HIS B 120 -27.23 -4.78 -26.87
N GLY B 121 -26.67 -5.26 -25.77
CA GLY B 121 -26.60 -6.69 -25.54
C GLY B 121 -27.99 -7.24 -25.22
N ILE B 122 -28.75 -6.50 -24.42
CA ILE B 122 -30.10 -6.92 -24.05
C ILE B 122 -31.00 -6.91 -25.27
N HIS B 123 -30.85 -5.89 -26.11
CA HIS B 123 -31.67 -5.76 -27.31
C HIS B 123 -31.28 -6.77 -28.39
N HIS B 124 -30.15 -7.45 -28.21
CA HIS B 124 -29.72 -8.42 -29.21
C HIS B 124 -29.52 -9.83 -28.71
N GLY B 125 -30.27 -10.20 -27.68
CA GLY B 125 -30.19 -11.56 -27.17
C GLY B 125 -29.17 -11.97 -26.13
N THR B 126 -28.43 -11.04 -25.54
CA THR B 126 -27.45 -11.44 -24.52
C THR B 126 -28.21 -11.73 -23.21
N LYS B 127 -27.97 -12.92 -22.65
CA LYS B 127 -28.64 -13.32 -21.41
C LYS B 127 -27.70 -13.53 -20.23
N THR B 128 -26.41 -13.27 -20.41
CA THR B 128 -25.44 -13.45 -19.34
C THR B 128 -24.66 -12.18 -19.05
N PHE B 129 -24.79 -11.68 -17.82
CA PHE B 129 -24.10 -10.48 -17.39
C PHE B 129 -23.30 -10.77 -16.12
N VAL B 130 -22.02 -10.44 -16.15
CA VAL B 130 -21.13 -10.72 -15.04
C VAL B 130 -20.43 -9.47 -14.51
N GLY B 131 -20.37 -9.37 -13.18
CA GLY B 131 -19.69 -8.24 -12.56
C GLY B 131 -18.22 -8.43 -12.82
N GLY B 132 -17.49 -7.33 -13.00
CA GLY B 132 -16.06 -7.42 -13.27
C GLY B 132 -15.24 -7.52 -12.00
N ASN B 133 -13.94 -7.75 -12.13
CA ASN B 133 -13.08 -7.83 -10.96
C ASN B 133 -13.29 -6.55 -10.16
N CYS B 134 -13.45 -6.70 -8.86
CA CYS B 134 -13.69 -5.56 -7.99
C CYS B 134 -12.69 -4.41 -8.21
N THR B 135 -11.43 -4.75 -8.47
CA THR B 135 -10.41 -3.73 -8.69
C THR B 135 -10.63 -2.95 -9.99
N VAL B 136 -11.05 -3.67 -11.03
CA VAL B 136 -11.31 -3.07 -12.34
C VAL B 136 -12.51 -2.12 -12.27
N SER B 137 -13.56 -2.57 -11.60
CA SER B 137 -14.76 -1.75 -11.47
C SER B 137 -14.48 -0.45 -10.75
N LEU B 138 -13.73 -0.53 -9.65
CA LEU B 138 -13.42 0.66 -8.88
C LEU B 138 -12.49 1.60 -9.65
N MET B 139 -11.60 1.02 -10.45
CA MET B 139 -10.69 1.84 -11.23
C MET B 139 -11.45 2.62 -12.31
N LEU B 140 -12.36 1.95 -13.02
CA LEU B 140 -13.14 2.60 -14.07
C LEU B 140 -14.21 3.56 -13.52
N MET B 141 -14.69 3.32 -12.31
CA MET B 141 -15.67 4.21 -11.71
C MET B 141 -14.98 5.53 -11.37
N ALA B 142 -13.67 5.47 -11.16
CA ALA B 142 -12.92 6.67 -10.83
C ALA B 142 -12.38 7.37 -12.09
N LEU B 143 -11.89 6.61 -13.06
CA LEU B 143 -11.29 7.19 -14.26
C LEU B 143 -12.09 7.06 -15.55
N GLY B 144 -13.37 6.70 -15.43
CA GLY B 144 -14.21 6.55 -16.61
C GLY B 144 -14.17 7.76 -17.52
N GLY B 145 -14.12 8.96 -16.95
CA GLY B 145 -14.08 10.17 -17.74
C GLY B 145 -12.92 10.25 -18.71
N LEU B 146 -11.78 9.67 -18.32
CA LEU B 146 -10.60 9.69 -19.18
C LEU B 146 -10.62 8.57 -20.22
N TYR B 147 -10.90 7.36 -19.79
CA TYR B 147 -10.95 6.22 -20.70
C TYR B 147 -12.05 6.43 -21.73
N GLU B 148 -13.17 6.99 -21.30
CA GLU B 148 -14.30 7.25 -22.17
C GLU B 148 -13.89 8.10 -23.37
N ARG B 149 -12.95 9.00 -23.14
CA ARG B 149 -12.46 9.89 -24.20
C ARG B 149 -11.20 9.35 -24.88
N GLY B 150 -10.87 8.09 -24.64
CA GLY B 150 -9.69 7.50 -25.25
C GLY B 150 -8.43 8.30 -25.00
N LEU B 151 -8.36 8.95 -23.84
CA LEU B 151 -7.21 9.77 -23.48
C LEU B 151 -6.07 9.02 -22.81
N VAL B 152 -6.28 7.77 -22.46
CA VAL B 152 -5.24 7.00 -21.79
C VAL B 152 -4.39 6.18 -22.73
N GLU B 153 -3.09 6.47 -22.74
CA GLU B 153 -2.13 5.76 -23.57
C GLU B 153 -1.82 4.42 -22.90
N TRP B 154 -1.56 4.48 -21.60
CA TRP B 154 -1.30 3.29 -20.78
C TRP B 154 -1.42 3.70 -19.31
N MET B 155 -1.50 2.71 -18.43
CA MET B 155 -1.64 3.01 -17.01
C MET B 155 -1.03 1.92 -16.13
N SER B 156 -0.22 2.34 -15.18
CA SER B 156 0.42 1.44 -14.22
C SER B 156 -0.37 1.59 -12.94
N ALA B 157 -0.81 0.48 -12.37
CA ALA B 157 -1.61 0.52 -11.15
C ALA B 157 -1.01 -0.28 -10.01
N MET B 158 -0.66 0.40 -8.91
CA MET B 158 -0.13 -0.28 -7.73
C MET B 158 -1.26 -0.21 -6.71
N THR B 159 -1.79 -1.37 -6.32
CA THR B 159 -2.93 -1.42 -5.43
C THR B 159 -2.65 -1.70 -3.96
N TYR B 160 -3.65 -1.36 -3.14
CA TYR B 160 -3.61 -1.54 -1.69
C TYR B 160 -4.98 -2.18 -1.45
N GLN B 161 -5.05 -3.51 -1.62
CA GLN B 161 -6.32 -4.22 -1.49
C GLN B 161 -6.68 -4.78 -0.12
N ALA B 162 -7.94 -4.52 0.24
CA ALA B 162 -8.51 -4.92 1.53
C ALA B 162 -8.63 -6.44 1.71
N ALA B 163 -8.63 -6.86 2.99
CA ALA B 163 -8.73 -8.27 3.33
C ALA B 163 -10.04 -8.91 2.85
N SER B 164 -11.12 -8.16 2.98
CA SER B 164 -12.45 -8.63 2.57
C SER B 164 -12.48 -9.13 1.13
N GLY B 165 -11.57 -8.61 0.30
CA GLY B 165 -11.51 -9.01 -1.08
C GLY B 165 -11.21 -10.49 -1.25
N ALA B 166 -10.52 -11.07 -0.27
CA ALA B 166 -10.16 -12.49 -0.31
C ALA B 166 -11.21 -13.36 0.35
N GLY B 167 -12.11 -12.74 1.11
CA GLY B 167 -13.15 -13.51 1.77
C GLY B 167 -13.46 -13.05 3.18
N ALA B 168 -14.65 -13.42 3.67
CA ALA B 168 -15.09 -13.04 5.00
C ALA B 168 -14.16 -13.58 6.11
N GLN B 169 -13.69 -14.81 5.94
CA GLN B 169 -12.80 -15.39 6.94
C GLN B 169 -11.47 -14.66 6.94
N ASN B 170 -11.09 -14.12 5.79
CA ASN B 170 -9.85 -13.37 5.67
C ASN B 170 -9.96 -12.06 6.41
N MET B 171 -11.16 -11.47 6.40
CA MET B 171 -11.34 -10.22 7.12
C MET B 171 -11.27 -10.50 8.62
N ARG B 172 -11.89 -11.60 9.04
CA ARG B 172 -11.90 -11.99 10.45
C ARG B 172 -10.46 -12.22 10.91
N GLU B 173 -9.69 -12.90 10.06
CA GLU B 173 -8.30 -13.20 10.38
C GLU B 173 -7.48 -11.92 10.55
N LEU B 174 -7.76 -10.92 9.72
CA LEU B 174 -7.05 -9.65 9.82
C LEU B 174 -7.25 -9.01 11.19
N ILE B 175 -8.52 -8.93 11.62
CA ILE B 175 -8.84 -8.33 12.92
C ILE B 175 -8.31 -9.17 14.08
N SER B 176 -8.28 -10.49 13.91
CA SER B 176 -7.76 -11.37 14.96
C SER B 176 -6.28 -11.09 15.10
N GLN B 177 -5.58 -11.01 13.97
CA GLN B 177 -4.15 -10.74 13.99
C GLN B 177 -3.89 -9.42 14.69
N MET B 178 -4.76 -8.42 14.45
CA MET B 178 -4.61 -7.12 15.10
C MET B 178 -4.68 -7.27 16.63
N GLY B 179 -5.64 -8.07 17.10
CA GLY B 179 -5.78 -8.30 18.53
C GLY B 179 -4.59 -9.01 19.14
N VAL B 180 -4.09 -10.04 18.44
CA VAL B 180 -2.94 -10.81 18.93
C VAL B 180 -1.70 -9.91 19.03
N ILE B 181 -1.52 -9.01 18.07
CA ILE B 181 -0.39 -8.10 18.10
C ILE B 181 -0.48 -7.18 19.31
N ASN B 182 -1.64 -6.58 19.52
CA ASN B 182 -1.82 -5.70 20.66
C ASN B 182 -1.70 -6.44 22.00
N ASP B 183 -2.31 -7.63 22.08
CA ASP B 183 -2.27 -8.44 23.31
C ASP B 183 -0.82 -8.62 23.79
N ALA B 184 0.06 -8.94 22.85
CA ALA B 184 1.46 -9.17 23.15
C ALA B 184 2.19 -7.99 23.81
N VAL B 185 1.75 -6.76 23.57
CA VAL B 185 2.42 -5.60 24.16
C VAL B 185 1.48 -4.62 24.87
N SER B 186 0.30 -5.07 25.25
CA SER B 186 -0.67 -4.19 25.91
C SER B 186 -0.14 -3.54 27.19
N SER B 187 0.66 -4.28 27.95
CA SER B 187 1.25 -3.75 29.19
C SER B 187 2.26 -2.66 28.88
N GLU B 188 3.19 -2.98 27.99
CA GLU B 188 4.22 -2.03 27.59
C GLU B 188 3.57 -0.75 27.06
N LEU B 189 2.54 -0.90 26.23
CA LEU B 189 1.85 0.25 25.65
C LEU B 189 1.21 1.12 26.71
N ALA B 190 0.76 0.50 27.80
CA ALA B 190 0.12 1.24 28.88
C ALA B 190 1.16 1.99 29.71
N ASN B 191 2.41 1.55 29.59
CA ASN B 191 3.53 2.16 30.31
C ASN B 191 4.18 3.21 29.40
N PRO B 192 3.92 4.49 29.67
CA PRO B 192 4.49 5.56 28.85
C PRO B 192 6.01 5.54 28.73
N ALA B 193 6.68 4.97 29.74
CA ALA B 193 8.13 4.91 29.74
C ALA B 193 8.74 3.64 29.12
N SER B 194 7.90 2.77 28.57
CA SER B 194 8.40 1.54 27.98
C SER B 194 9.23 1.82 26.72
N SER B 195 10.16 0.92 26.42
CA SER B 195 11.02 1.04 25.24
C SER B 195 10.30 0.66 23.94
N ILE B 196 10.34 1.55 22.95
CA ILE B 196 9.69 1.27 21.67
C ILE B 196 10.37 0.09 20.98
N LEU B 197 11.68 -0.04 21.18
CA LEU B 197 12.41 -1.14 20.57
C LEU B 197 12.02 -2.47 21.24
N ASP B 198 11.65 -2.42 22.52
CA ASP B 198 11.23 -3.64 23.23
C ASP B 198 9.87 -4.04 22.68
N ILE B 199 8.99 -3.05 22.52
CA ILE B 199 7.66 -3.29 21.98
C ILE B 199 7.80 -3.84 20.55
N ASP B 200 8.70 -3.26 19.77
CA ASP B 200 8.91 -3.70 18.40
C ASP B 200 9.38 -5.15 18.34
N LYS B 201 10.36 -5.50 19.18
CA LYS B 201 10.87 -6.87 19.20
C LYS B 201 9.74 -7.85 19.49
N LYS B 202 8.92 -7.53 20.49
CA LYS B 202 7.80 -8.39 20.87
C LYS B 202 6.76 -8.51 19.75
N VAL B 203 6.44 -7.40 19.09
CA VAL B 203 5.45 -7.44 18.00
C VAL B 203 5.96 -8.31 16.85
N ALA B 204 7.24 -8.19 16.49
CA ALA B 204 7.81 -8.98 15.40
C ALA B 204 7.79 -10.48 15.75
N GLU B 205 8.16 -10.82 16.99
CA GLU B 205 8.17 -12.21 17.43
C GLU B 205 6.76 -12.79 17.39
N THR B 206 5.78 -12.02 17.82
CA THR B 206 4.40 -12.47 17.83
C THR B 206 3.93 -12.80 16.41
N MET B 207 4.20 -11.87 15.48
CA MET B 207 3.81 -12.04 14.09
C MET B 207 4.47 -13.26 13.46
N ARG B 208 5.68 -13.57 13.90
CA ARG B 208 6.45 -14.69 13.39
C ARG B 208 6.20 -16.04 14.07
N SER B 209 5.47 -16.04 15.18
CA SER B 209 5.20 -17.27 15.92
C SER B 209 4.18 -18.19 15.23
N GLY B 210 4.27 -19.49 15.51
CA GLY B 210 3.35 -20.43 14.91
C GLY B 210 1.93 -20.21 15.40
N SER B 211 1.80 -19.58 16.56
CA SER B 211 0.48 -19.32 17.13
C SER B 211 -0.26 -18.15 16.45
N PHE B 212 0.46 -17.33 15.70
CA PHE B 212 -0.16 -16.21 15.01
C PHE B 212 -1.16 -16.81 14.01
N PRO B 213 -2.43 -16.38 14.07
CA PRO B 213 -3.46 -16.91 13.16
C PRO B 213 -3.27 -16.54 11.69
N THR B 214 -2.68 -17.44 10.91
CA THR B 214 -2.46 -17.17 9.51
C THR B 214 -3.02 -18.26 8.61
N ASP B 215 -4.02 -18.98 9.09
CA ASP B 215 -4.61 -20.06 8.28
C ASP B 215 -5.07 -19.59 6.91
N ASN B 216 -5.76 -18.46 6.85
CA ASN B 216 -6.30 -17.94 5.60
C ASN B 216 -5.34 -17.20 4.66
N PHE B 217 -4.44 -16.38 5.19
CA PHE B 217 -3.50 -15.67 4.33
C PHE B 217 -2.19 -16.42 4.15
N GLY B 218 -1.92 -17.37 5.03
CA GLY B 218 -0.69 -18.14 4.94
C GLY B 218 0.47 -17.45 5.63
N VAL B 219 0.42 -16.12 5.66
CA VAL B 219 1.45 -15.31 6.30
C VAL B 219 0.74 -14.15 6.99
N PRO B 220 1.48 -13.37 7.80
CA PRO B 220 0.85 -12.23 8.49
C PRO B 220 0.34 -11.18 7.51
N LEU B 221 -0.72 -10.46 7.89
CA LEU B 221 -1.26 -9.37 7.08
C LEU B 221 -1.19 -8.12 7.94
N ALA B 222 -1.71 -8.20 9.15
CA ALA B 222 -1.67 -7.07 10.08
C ALA B 222 -0.20 -6.80 10.36
N GLY B 223 0.21 -5.53 10.25
CA GLY B 223 1.60 -5.15 10.49
C GLY B 223 2.51 -5.46 9.30
N SER B 224 1.91 -5.94 8.21
CA SER B 224 2.68 -6.31 7.02
C SER B 224 1.88 -6.08 5.74
N LEU B 225 2.21 -6.83 4.69
CA LEU B 225 1.52 -6.78 3.40
C LEU B 225 1.94 -8.00 2.58
N ILE B 226 1.21 -8.27 1.51
CA ILE B 226 1.52 -9.43 0.68
C ILE B 226 1.45 -8.98 -0.77
N PRO B 227 2.63 -8.81 -1.41
CA PRO B 227 2.67 -8.37 -2.81
C PRO B 227 2.37 -9.44 -3.85
N TRP B 228 1.30 -10.20 -3.63
CA TRP B 228 0.87 -11.23 -4.58
C TRP B 228 -0.55 -11.68 -4.28
N ILE B 229 -1.43 -11.55 -5.27
CA ILE B 229 -2.83 -11.94 -5.13
C ILE B 229 -3.21 -12.86 -6.31
N ASP B 230 -3.74 -14.03 -5.97
CA ASP B 230 -4.18 -15.06 -6.92
C ASP B 230 -3.02 -15.80 -7.61
N VAL B 231 -3.36 -16.79 -8.43
CA VAL B 231 -2.38 -17.62 -9.10
C VAL B 231 -1.41 -16.93 -10.08
N LYS B 232 -0.24 -17.52 -10.25
CA LYS B 232 0.78 -17.01 -11.16
C LYS B 232 0.43 -17.37 -12.61
N ARG B 233 0.80 -16.48 -13.53
CA ARG B 233 0.57 -16.69 -14.96
C ARG B 233 1.97 -16.84 -15.58
N ASP B 234 2.03 -17.30 -16.82
CA ASP B 234 3.31 -17.52 -17.50
C ASP B 234 4.22 -16.30 -17.69
N ASN B 235 3.66 -15.12 -17.88
CA ASN B 235 4.48 -13.93 -18.08
C ASN B 235 4.95 -13.27 -16.78
N GLY B 236 4.64 -13.89 -15.65
CA GLY B 236 5.08 -13.32 -14.37
C GLY B 236 4.04 -12.52 -13.60
N GLN B 237 2.92 -12.21 -14.25
CA GLN B 237 1.86 -11.47 -13.57
C GLN B 237 1.11 -12.45 -12.67
N SER B 238 0.34 -11.91 -11.74
CA SER B 238 -0.51 -12.74 -10.88
C SER B 238 -1.84 -12.61 -11.63
N LYS B 239 -2.78 -13.50 -11.40
CA LYS B 239 -4.04 -13.42 -12.12
C LYS B 239 -4.76 -12.10 -11.82
N GLU B 240 -4.59 -11.59 -10.61
CA GLU B 240 -5.22 -10.32 -10.22
C GLU B 240 -4.73 -9.18 -11.11
N GLU B 241 -3.42 -9.15 -11.36
CA GLU B 241 -2.82 -8.11 -12.18
C GLU B 241 -3.22 -8.23 -13.65
N TRP B 242 -3.41 -9.47 -14.11
CA TRP B 242 -3.78 -9.75 -15.49
C TRP B 242 -5.23 -9.36 -15.80
N LYS B 243 -6.11 -9.58 -14.84
CA LYS B 243 -7.53 -9.25 -15.00
C LYS B 243 -7.75 -7.78 -15.38
N ALA B 244 -7.02 -6.87 -14.74
CA ALA B 244 -7.18 -5.44 -15.01
C ALA B 244 -7.19 -5.12 -16.51
N GLY B 245 -6.15 -5.57 -17.21
CA GLY B 245 -6.04 -5.30 -18.64
C GLY B 245 -7.12 -5.90 -19.53
N VAL B 246 -7.39 -7.20 -19.39
CA VAL B 246 -8.39 -7.84 -20.25
C VAL B 246 -9.83 -7.45 -19.94
N GLU B 247 -10.15 -7.26 -18.67
CA GLU B 247 -11.51 -6.89 -18.30
C GLU B 247 -11.84 -5.43 -18.63
N ALA B 248 -10.92 -4.50 -18.32
CA ALA B 248 -11.19 -3.10 -18.61
C ALA B 248 -11.42 -2.90 -20.10
N ASN B 249 -10.59 -3.56 -20.90
CA ASN B 249 -10.71 -3.43 -22.34
C ASN B 249 -11.96 -4.07 -22.92
N LYS B 250 -12.46 -5.12 -22.28
CA LYS B 250 -13.70 -5.73 -22.76
C LYS B 250 -14.84 -4.78 -22.40
N ILE B 251 -14.80 -4.26 -21.18
CA ILE B 251 -15.82 -3.33 -20.71
C ILE B 251 -15.88 -2.11 -21.62
N LEU B 252 -14.70 -1.60 -21.97
CA LEU B 252 -14.60 -0.42 -22.83
C LEU B 252 -14.79 -0.79 -24.29
N GLY B 253 -14.74 -2.08 -24.59
CA GLY B 253 -14.90 -2.51 -25.97
C GLY B 253 -13.68 -2.16 -26.80
N LEU B 254 -12.50 -2.24 -26.19
CA LEU B 254 -11.24 -1.91 -26.86
C LEU B 254 -10.37 -3.13 -27.17
N GLN B 255 -10.99 -4.28 -27.39
CA GLN B 255 -10.23 -5.48 -27.67
C GLN B 255 -9.31 -5.34 -28.89
N ASP B 256 -9.75 -4.59 -29.90
CA ASP B 256 -8.97 -4.41 -31.13
C ASP B 256 -7.72 -3.54 -30.97
N SER B 257 -7.76 -2.62 -30.01
CA SER B 257 -6.62 -1.75 -29.73
C SER B 257 -6.69 -1.46 -28.25
N PRO B 258 -6.41 -2.48 -27.43
CA PRO B 258 -6.45 -2.32 -25.98
C PRO B 258 -5.42 -1.37 -25.37
N VAL B 259 -5.81 -0.80 -24.23
CA VAL B 259 -4.94 0.09 -23.51
C VAL B 259 -4.11 -0.80 -22.60
N PRO B 260 -2.78 -0.62 -22.62
CA PRO B 260 -1.94 -1.46 -21.75
C PRO B 260 -2.15 -1.04 -20.29
N ILE B 261 -2.56 -1.98 -19.46
CA ILE B 261 -2.76 -1.72 -18.04
C ILE B 261 -1.99 -2.81 -17.30
N ASP B 262 -1.17 -2.42 -16.35
CA ASP B 262 -0.38 -3.38 -15.61
C ASP B 262 0.08 -2.75 -14.30
N GLY B 263 0.70 -3.56 -13.46
CA GLY B 263 1.19 -3.09 -12.18
C GLY B 263 1.26 -4.24 -11.19
N THR B 264 1.39 -3.90 -9.91
CA THR B 264 1.47 -4.89 -8.85
C THR B 264 0.30 -4.75 -7.90
N CYS B 265 -0.40 -5.86 -7.65
CA CYS B 265 -1.56 -5.89 -6.76
C CYS B 265 -1.06 -6.39 -5.40
N VAL B 266 -1.23 -5.54 -4.39
CA VAL B 266 -0.79 -5.84 -3.03
C VAL B 266 -1.92 -5.90 -2.00
N ARG B 267 -1.90 -6.92 -1.16
CA ARG B 267 -2.91 -7.07 -0.11
C ARG B 267 -2.40 -6.34 1.13
N ILE B 268 -3.24 -5.47 1.70
CA ILE B 268 -2.84 -4.74 2.89
C ILE B 268 -3.89 -4.96 3.99
N GLY B 269 -3.58 -4.46 5.19
CA GLY B 269 -4.47 -4.62 6.31
C GLY B 269 -5.63 -3.65 6.40
N ALA B 270 -6.39 -3.53 5.32
CA ALA B 270 -7.58 -2.68 5.29
C ALA B 270 -8.76 -3.63 5.38
N MET B 271 -9.87 -3.15 5.93
CA MET B 271 -11.06 -3.99 6.09
C MET B 271 -11.82 -4.32 4.81
N ARG B 272 -12.38 -3.33 4.12
CA ARG B 272 -13.12 -3.62 2.88
C ARG B 272 -13.11 -2.60 1.75
N CYS B 273 -12.05 -1.80 1.68
CA CYS B 273 -11.92 -0.82 0.60
C CYS B 273 -10.60 -1.03 -0.13
N HIS B 274 -10.65 -0.99 -1.45
CA HIS B 274 -9.44 -1.14 -2.26
C HIS B 274 -8.99 0.28 -2.64
N SER B 275 -7.68 0.52 -2.57
CA SER B 275 -7.14 1.82 -2.96
C SER B 275 -6.13 1.53 -4.06
N GLN B 276 -5.96 2.47 -5.00
CA GLN B 276 -5.03 2.30 -6.11
C GLN B 276 -4.22 3.56 -6.39
N ALA B 277 -2.91 3.38 -6.52
CA ALA B 277 -1.97 4.47 -6.82
C ALA B 277 -1.66 4.30 -8.31
N LEU B 278 -2.16 5.21 -9.13
CA LEU B 278 -2.01 5.12 -10.57
C LEU B 278 -1.08 6.10 -11.28
N THR B 279 -0.32 5.59 -12.25
CA THR B 279 0.55 6.41 -13.07
C THR B 279 -0.18 6.33 -14.42
N ILE B 280 -0.81 7.42 -14.80
CA ILE B 280 -1.60 7.48 -16.03
C ILE B 280 -0.92 8.29 -17.12
N LYS B 281 -0.53 7.60 -18.21
CA LYS B 281 0.10 8.29 -19.32
C LYS B 281 -1.02 8.77 -20.24
N LEU B 282 -1.14 10.08 -20.41
CA LEU B 282 -2.17 10.65 -21.26
C LEU B 282 -1.63 10.84 -22.67
N LYS B 283 -2.51 10.74 -23.66
CA LYS B 283 -2.11 10.91 -25.06
C LYS B 283 -1.87 12.38 -25.39
N GLN B 284 -2.38 13.27 -24.54
CA GLN B 284 -2.23 14.70 -24.76
C GLN B 284 -1.95 15.40 -23.45
N ASN B 285 -1.38 16.59 -23.54
CA ASN B 285 -1.07 17.41 -22.38
C ASN B 285 -2.32 18.26 -22.10
N ILE B 286 -3.27 17.70 -21.35
CA ILE B 286 -4.52 18.37 -21.00
C ILE B 286 -4.37 19.18 -19.70
N PRO B 287 -4.87 20.43 -19.68
CA PRO B 287 -4.73 21.18 -18.42
C PRO B 287 -5.41 20.44 -17.28
N LEU B 288 -4.74 20.42 -16.12
CA LEU B 288 -5.26 19.71 -14.95
C LEU B 288 -6.72 20.03 -14.62
N ASP B 289 -7.11 21.30 -14.73
CA ASP B 289 -8.49 21.70 -14.45
C ASP B 289 -9.49 20.94 -15.30
N GLU B 290 -9.19 20.79 -16.59
CA GLU B 290 -10.07 20.08 -17.49
C GLU B 290 -10.08 18.59 -17.16
N ILE B 291 -8.95 18.07 -16.71
CA ILE B 291 -8.84 16.66 -16.35
C ILE B 291 -9.77 16.39 -15.17
N GLU B 292 -9.73 17.27 -14.18
CA GLU B 292 -10.59 17.12 -13.00
C GLU B 292 -12.06 17.20 -13.39
N GLU B 293 -12.37 18.03 -14.39
CA GLU B 293 -13.73 18.18 -14.89
C GLU B 293 -14.20 16.89 -15.57
N MET B 294 -13.35 16.34 -16.45
CA MET B 294 -13.67 15.12 -17.17
C MET B 294 -13.92 13.98 -16.19
N ILE B 295 -13.10 13.91 -15.16
CA ILE B 295 -13.24 12.88 -14.16
C ILE B 295 -14.54 13.05 -13.36
N ALA B 296 -14.73 14.23 -12.77
CA ALA B 296 -15.92 14.49 -11.97
C ALA B 296 -17.28 14.33 -12.65
N THR B 297 -17.37 14.76 -13.91
CA THR B 297 -18.64 14.69 -14.62
C THR B 297 -18.99 13.34 -15.26
N HIS B 298 -18.13 12.34 -15.09
CA HIS B 298 -18.42 11.05 -15.69
C HIS B 298 -19.58 10.29 -15.07
N ASN B 299 -19.69 10.33 -13.75
CA ASN B 299 -20.79 9.64 -13.07
C ASN B 299 -21.10 10.28 -11.72
N ASP B 300 -22.23 9.88 -11.14
CA ASP B 300 -22.70 10.43 -9.87
C ASP B 300 -21.93 10.05 -8.61
N TRP B 301 -21.10 9.03 -8.69
CA TRP B 301 -20.38 8.54 -7.51
C TRP B 301 -18.94 8.95 -7.37
N VAL B 302 -18.23 9.10 -8.49
CA VAL B 302 -16.83 9.52 -8.44
C VAL B 302 -16.81 10.89 -7.78
N LYS B 303 -15.72 11.17 -7.07
CA LYS B 303 -15.61 12.43 -6.36
C LYS B 303 -14.15 12.90 -6.44
N VAL B 304 -13.91 14.09 -6.97
CA VAL B 304 -12.54 14.60 -7.04
C VAL B 304 -12.24 15.29 -5.70
N ILE B 305 -11.21 14.79 -5.01
CA ILE B 305 -10.81 15.35 -3.73
C ILE B 305 -9.67 16.36 -3.93
N PRO B 306 -9.86 17.62 -3.50
CA PRO B 306 -8.79 18.62 -3.67
C PRO B 306 -7.44 18.10 -3.19
N ASN B 307 -6.39 18.43 -3.93
CA ASN B 307 -5.04 17.99 -3.59
C ASN B 307 -4.46 18.83 -2.45
N GLU B 308 -5.10 18.74 -1.28
CA GLU B 308 -4.68 19.46 -0.08
C GLU B 308 -4.49 18.42 1.03
N ARG B 309 -3.45 18.58 1.83
CA ARG B 309 -3.14 17.61 2.88
C ARG B 309 -4.27 17.20 3.83
N ASP B 310 -4.76 18.17 4.59
CA ASP B 310 -5.82 17.95 5.57
C ASP B 310 -7.04 17.20 5.00
N ILE B 311 -7.58 17.71 3.89
CA ILE B 311 -8.76 17.12 3.27
C ILE B 311 -8.51 15.74 2.67
N THR B 312 -7.30 15.52 2.15
CA THR B 312 -6.95 14.23 1.58
C THR B 312 -6.90 13.16 2.67
N ALA B 313 -6.32 13.51 3.81
CA ALA B 313 -6.22 12.60 4.95
C ALA B 313 -7.59 12.20 5.48
N ARG B 314 -8.54 13.13 5.43
CA ARG B 314 -9.88 12.89 5.95
C ARG B 314 -10.84 12.22 4.96
N GLU B 315 -10.62 12.41 3.67
CA GLU B 315 -11.54 11.84 2.69
C GLU B 315 -11.07 10.78 1.72
N LEU B 316 -9.77 10.70 1.48
CA LEU B 316 -9.24 9.73 0.53
C LEU B 316 -8.65 8.50 1.22
N THR B 317 -9.49 7.83 2.01
CA THR B 317 -9.06 6.66 2.77
C THR B 317 -10.15 5.62 2.95
N PRO B 318 -9.77 4.39 3.29
CA PRO B 318 -10.76 3.34 3.50
C PRO B 318 -11.67 3.67 4.69
N ALA B 319 -11.11 4.30 5.73
CA ALA B 319 -11.92 4.66 6.91
C ALA B 319 -13.09 5.54 6.51
N LYS B 320 -12.85 6.44 5.55
CA LYS B 320 -13.88 7.34 5.06
C LYS B 320 -14.87 6.66 4.10
N VAL B 321 -14.32 5.98 3.10
CA VAL B 321 -15.12 5.34 2.08
C VAL B 321 -15.92 4.07 2.45
N THR B 322 -15.42 3.28 3.39
CA THR B 322 -16.09 2.01 3.75
C THR B 322 -17.60 2.10 3.95
N GLY B 323 -18.31 1.18 3.30
CA GLY B 323 -19.76 1.13 3.41
C GLY B 323 -20.54 2.13 2.58
N THR B 324 -19.84 2.91 1.76
CA THR B 324 -20.49 3.92 0.92
C THR B 324 -20.27 3.64 -0.56
N LEU B 325 -21.08 4.26 -1.41
CA LEU B 325 -20.97 4.07 -2.86
C LEU B 325 -20.11 5.16 -3.48
N SER B 326 -19.44 5.94 -2.63
CA SER B 326 -18.59 7.03 -3.10
C SER B 326 -17.25 6.51 -3.61
N VAL B 327 -16.78 7.09 -4.71
CA VAL B 327 -15.49 6.69 -5.31
C VAL B 327 -14.59 7.93 -5.45
N PRO B 328 -13.94 8.34 -4.36
CA PRO B 328 -13.07 9.52 -4.40
C PRO B 328 -11.75 9.27 -5.16
N VAL B 329 -11.30 10.28 -5.88
CA VAL B 329 -10.05 10.25 -6.63
C VAL B 329 -9.30 11.51 -6.21
N GLY B 330 -8.07 11.36 -5.75
CA GLY B 330 -7.31 12.53 -5.32
C GLY B 330 -5.85 12.51 -5.74
N ARG B 331 -5.08 13.43 -5.16
CA ARG B 331 -3.65 13.58 -5.47
C ARG B 331 -3.45 13.76 -6.97
N LEU B 332 -4.48 14.31 -7.64
CA LEU B 332 -4.42 14.54 -9.07
C LEU B 332 -3.47 15.70 -9.37
N ARG B 333 -2.41 15.38 -10.10
CA ARG B 333 -1.38 16.37 -10.45
C ARG B 333 -0.51 15.80 -11.55
N LYS B 334 0.19 16.67 -12.27
CA LYS B 334 1.09 16.20 -13.31
C LYS B 334 2.35 15.72 -12.58
N MET B 335 3.00 14.68 -13.09
CA MET B 335 4.18 14.12 -12.46
C MET B 335 5.51 14.65 -13.01
N ALA B 336 6.60 14.36 -12.30
CA ALA B 336 7.93 14.82 -12.70
C ALA B 336 8.36 14.37 -14.10
N MET B 337 7.84 13.24 -14.57
CA MET B 337 8.20 12.74 -15.89
C MET B 337 7.70 13.62 -17.04
N GLY B 338 6.67 14.42 -16.78
CA GLY B 338 6.14 15.29 -17.82
C GLY B 338 4.67 15.61 -17.59
N ASP B 339 4.17 16.61 -18.30
CA ASP B 339 2.78 17.02 -18.14
C ASP B 339 1.76 16.09 -18.79
N ASP B 340 2.23 15.02 -19.44
CA ASP B 340 1.30 14.05 -20.00
C ASP B 340 1.31 12.79 -19.13
N PHE B 341 1.83 12.97 -17.91
CA PHE B 341 1.89 11.91 -16.89
C PHE B 341 1.01 12.41 -15.74
N LEU B 342 -0.09 11.71 -15.49
CA LEU B 342 -1.01 12.10 -14.43
C LEU B 342 -1.01 11.14 -13.24
N ASN B 343 -0.74 11.66 -12.06
CA ASN B 343 -0.78 10.81 -10.86
C ASN B 343 -2.21 10.87 -10.30
N ALA B 344 -2.69 9.73 -9.80
CA ALA B 344 -4.02 9.65 -9.23
C ALA B 344 -4.09 8.57 -8.16
N PHE B 345 -4.76 8.88 -7.03
CA PHE B 345 -4.92 7.91 -5.97
C PHE B 345 -6.43 7.84 -5.70
N THR B 346 -6.99 6.63 -5.77
CA THR B 346 -8.42 6.48 -5.57
C THR B 346 -8.73 5.38 -4.56
N VAL B 347 -9.90 5.50 -3.92
CA VAL B 347 -10.36 4.53 -2.94
C VAL B 347 -11.82 4.18 -3.24
N GLY B 348 -12.14 2.90 -3.11
CA GLY B 348 -13.50 2.46 -3.36
C GLY B 348 -13.84 1.23 -2.52
N ASP B 349 -15.11 1.09 -2.16
CA ASP B 349 -15.58 -0.05 -1.37
C ASP B 349 -15.73 -1.21 -2.34
N GLN B 350 -14.94 -2.27 -2.16
CA GLN B 350 -15.03 -3.37 -3.12
C GLN B 350 -16.21 -4.33 -2.96
N LEU B 351 -17.07 -4.11 -1.97
CA LEU B 351 -18.25 -4.95 -1.82
C LEU B 351 -19.46 -4.31 -2.50
N LEU B 352 -19.42 -3.00 -2.71
CA LEU B 352 -20.54 -2.31 -3.35
C LEU B 352 -20.30 -2.19 -4.86
N TRP B 353 -19.62 -1.14 -5.31
CA TRP B 353 -19.37 -1.05 -6.74
C TRP B 353 -18.48 -2.19 -7.19
N GLY B 354 -17.67 -2.73 -6.27
CA GLY B 354 -16.79 -3.83 -6.62
C GLY B 354 -17.46 -5.19 -6.63
N ALA B 355 -18.74 -5.25 -6.27
CA ALA B 355 -19.41 -6.54 -6.25
C ALA B 355 -20.94 -6.49 -6.40
N ALA B 356 -21.63 -6.17 -5.31
CA ALA B 356 -23.10 -6.16 -5.30
C ALA B 356 -23.83 -5.14 -6.16
N GLU B 357 -23.39 -3.89 -6.17
CA GLU B 357 -24.11 -2.87 -6.90
C GLU B 357 -24.36 -3.14 -8.39
N PRO B 358 -23.34 -3.57 -9.14
CA PRO B 358 -23.59 -3.83 -10.56
C PRO B 358 -24.69 -4.88 -10.79
N LEU B 359 -24.77 -5.86 -9.90
CA LEU B 359 -25.76 -6.92 -9.99
C LEU B 359 -27.16 -6.32 -9.81
N ARG B 360 -27.27 -5.44 -8.81
CA ARG B 360 -28.48 -4.70 -8.47
C ARG B 360 -28.93 -3.91 -9.70
N ARG B 361 -28.04 -3.04 -10.17
CA ARG B 361 -28.29 -2.17 -11.31
C ARG B 361 -28.66 -2.92 -12.58
N THR B 362 -28.00 -4.04 -12.83
CA THR B 362 -28.27 -4.83 -14.02
C THR B 362 -29.72 -5.34 -14.02
N LEU B 363 -30.23 -5.74 -12.86
CA LEU B 363 -31.61 -6.21 -12.77
C LEU B 363 -32.56 -5.06 -13.11
N ARG B 364 -32.30 -3.88 -12.55
CA ARG B 364 -33.14 -2.70 -12.79
C ARG B 364 -33.12 -2.28 -14.26
N ILE B 365 -31.99 -2.47 -14.94
CA ILE B 365 -31.88 -2.11 -16.35
C ILE B 365 -32.71 -3.08 -17.19
N ILE B 366 -32.58 -4.37 -16.89
CA ILE B 366 -33.33 -5.39 -17.61
C ILE B 366 -34.84 -5.19 -17.37
N LEU B 367 -35.22 -4.90 -16.14
CA LEU B 367 -36.62 -4.67 -15.81
C LEU B 367 -37.13 -3.45 -16.56
N ALA B 368 -36.30 -2.42 -16.65
CA ALA B 368 -36.66 -1.18 -17.34
C ALA B 368 -36.75 -1.36 -18.85
N GLU B 369 -36.23 -2.46 -19.36
CA GLU B 369 -36.27 -2.73 -20.79
C GLU B 369 -37.30 -3.81 -21.11
#